data_1I71
# 
_entry.id   1I71 
# 
_audit_conform.dict_name       mmcif_pdbx.dic 
_audit_conform.dict_version    5.398 
_audit_conform.dict_location   http://mmcif.pdb.org/dictionaries/ascii/mmcif_pdbx.dic 
# 
loop_
_database_2.database_id 
_database_2.database_code 
_database_2.pdbx_database_accession 
_database_2.pdbx_DOI 
PDB   1I71         pdb_00001i71 10.2210/pdb1i71/pdb 
RCSB  RCSB012984   ?            ?                   
WWPDB D_1000012984 ?            ?                   
# 
loop_
_pdbx_audit_revision_history.ordinal 
_pdbx_audit_revision_history.data_content_type 
_pdbx_audit_revision_history.major_revision 
_pdbx_audit_revision_history.minor_revision 
_pdbx_audit_revision_history.revision_date 
1 'Structure model' 1 0 2001-06-13 
2 'Structure model' 1 1 2008-04-27 
3 'Structure model' 1 2 2011-07-13 
4 'Structure model' 1 3 2023-08-09 
5 'Structure model' 1 4 2024-11-13 
# 
_pdbx_audit_revision_details.ordinal             1 
_pdbx_audit_revision_details.revision_ordinal    1 
_pdbx_audit_revision_details.data_content_type   'Structure model' 
_pdbx_audit_revision_details.provider            repository 
_pdbx_audit_revision_details.type                'Initial release' 
_pdbx_audit_revision_details.description         ? 
_pdbx_audit_revision_details.details             ? 
# 
loop_
_pdbx_audit_revision_group.ordinal 
_pdbx_audit_revision_group.revision_ordinal 
_pdbx_audit_revision_group.data_content_type 
_pdbx_audit_revision_group.group 
1 2 'Structure model' 'Version format compliance' 
2 3 'Structure model' 'Version format compliance' 
3 4 'Structure model' 'Data collection'           
4 4 'Structure model' 'Database references'       
5 4 'Structure model' 'Derived calculations'      
6 4 'Structure model' 'Refinement description'    
7 5 'Structure model' 'Structure summary'         
# 
loop_
_pdbx_audit_revision_category.ordinal 
_pdbx_audit_revision_category.revision_ordinal 
_pdbx_audit_revision_category.data_content_type 
_pdbx_audit_revision_category.category 
1 4 'Structure model' chem_comp_atom                
2 4 'Structure model' chem_comp_bond                
3 4 'Structure model' database_2                    
4 4 'Structure model' pdbx_initial_refinement_model 
5 4 'Structure model' struct_site                   
6 5 'Structure model' pdbx_entry_details            
7 5 'Structure model' pdbx_modification_feature     
# 
loop_
_pdbx_audit_revision_item.ordinal 
_pdbx_audit_revision_item.revision_ordinal 
_pdbx_audit_revision_item.data_content_type 
_pdbx_audit_revision_item.item 
1 4 'Structure model' '_database_2.pdbx_DOI'                
2 4 'Structure model' '_database_2.pdbx_database_accession' 
3 4 'Structure model' '_struct_site.pdbx_auth_asym_id'      
4 4 'Structure model' '_struct_site.pdbx_auth_comp_id'      
5 4 'Structure model' '_struct_site.pdbx_auth_seq_id'       
# 
_pdbx_database_status.status_code                     REL 
_pdbx_database_status.entry_id                        1I71 
_pdbx_database_status.recvd_initial_deposition_date   2001-03-07 
_pdbx_database_status.deposit_site                    RCSB 
_pdbx_database_status.process_site                    RCSB 
_pdbx_database_status.status_code_sf                  REL 
_pdbx_database_status.SG_entry                        . 
_pdbx_database_status.pdb_format_compatible           Y 
_pdbx_database_status.status_code_mr                  ? 
_pdbx_database_status.status_code_cs                  ? 
_pdbx_database_status.status_code_nmr_data            ? 
_pdbx_database_status.methods_development_category    ? 
# 
loop_
_audit_author.name 
_audit_author.pdbx_ordinal 
'Ye, Q.'           1 
'Rahman, M.N.'     2 
'Koschinsky, M.L.' 3 
'Jia, Z.'          4 
# 
_citation.id                        primary 
_citation.title                     
'High-resolution crystal structure of apolipoprotein(a) kringle IV type 7: insights into ligand binding.' 
_citation.journal_abbrev            'Protein Sci.' 
_citation.journal_volume            10 
_citation.page_first                1124 
_citation.page_last                 1129 
_citation.year                      2001 
_citation.journal_id_ASTM           PRCIEI 
_citation.country                   US 
_citation.journal_id_ISSN           0961-8368 
_citation.journal_id_CSD            0795 
_citation.book_publisher            ? 
_citation.pdbx_database_id_PubMed   11369850 
_citation.pdbx_database_id_DOI      10.1110/ps.01701 
# 
loop_
_citation_author.citation_id 
_citation_author.name 
_citation_author.ordinal 
_citation_author.identifier_ORCID 
primary 'Ye, Q.'           1 ? 
primary 'Rahman, M.N.'     2 ? 
primary 'Koschinsky, M.L.' 3 ? 
primary 'Jia, Z.'          4 ? 
# 
loop_
_entity.id 
_entity.type 
_entity.src_method 
_entity.pdbx_description 
_entity.formula_weight 
_entity.pdbx_number_of_molecules 
_entity.pdbx_ec 
_entity.pdbx_mutation 
_entity.pdbx_fragment 
_entity.details 
1 polymer     man 'APOLIPOPROTEIN(A)' 9778.745 1   3.4.21.- ? 'RECOMBINANT KRINGLE IV TYPE 7 (RESIDUES 3781-3863)' ? 
2 non-polymer syn 'SULFATE ION'       96.063   1   ?        ? ?                                                    ? 
3 water       nat water               18.015   116 ?        ? ?                                                    ? 
# 
_entity_name_com.entity_id   1 
_entity_name_com.name        'APO(A)' 
# 
_entity_poly.entity_id                      1 
_entity_poly.type                           'polypeptide(L)' 
_entity_poly.nstd_linkage                   no 
_entity_poly.nstd_monomer                   no 
_entity_poly.pdbx_seq_one_letter_code       
;DCYHGDGQSYRGSFSTTVTGRTCQSWSSMTPHWHQRTTEYYPNGGLTRNYCRNPDAEIRPWCYTMDPSVRWEYCNLTQCP
VME
;
_entity_poly.pdbx_seq_one_letter_code_can   
;DCYHGDGQSYRGSFSTTVTGRTCQSWSSMTPHWHQRTTEYYPNGGLTRNYCRNPDAEIRPWCYTMDPSVRWEYCNLTQCP
VME
;
_entity_poly.pdbx_strand_id                 A 
_entity_poly.pdbx_target_identifier         ? 
# 
loop_
_pdbx_entity_nonpoly.entity_id 
_pdbx_entity_nonpoly.name 
_pdbx_entity_nonpoly.comp_id 
2 'SULFATE ION' SO4 
3 water         HOH 
# 
loop_
_entity_poly_seq.entity_id 
_entity_poly_seq.num 
_entity_poly_seq.mon_id 
_entity_poly_seq.hetero 
1 1  ASP n 
1 2  CYS n 
1 3  TYR n 
1 4  HIS n 
1 5  GLY n 
1 6  ASP n 
1 7  GLY n 
1 8  GLN n 
1 9  SER n 
1 10 TYR n 
1 11 ARG n 
1 12 GLY n 
1 13 SER n 
1 14 PHE n 
1 15 SER n 
1 16 THR n 
1 17 THR n 
1 18 VAL n 
1 19 THR n 
1 20 GLY n 
1 21 ARG n 
1 22 THR n 
1 23 CYS n 
1 24 GLN n 
1 25 SER n 
1 26 TRP n 
1 27 SER n 
1 28 SER n 
1 29 MET n 
1 30 THR n 
1 31 PRO n 
1 32 HIS n 
1 33 TRP n 
1 34 HIS n 
1 35 GLN n 
1 36 ARG n 
1 37 THR n 
1 38 THR n 
1 39 GLU n 
1 40 TYR n 
1 41 TYR n 
1 42 PRO n 
1 43 ASN n 
1 44 GLY n 
1 45 GLY n 
1 46 LEU n 
1 47 THR n 
1 48 ARG n 
1 49 ASN n 
1 50 TYR n 
1 51 CYS n 
1 52 ARG n 
1 53 ASN n 
1 54 PRO n 
1 55 ASP n 
1 56 ALA n 
1 57 GLU n 
1 58 ILE n 
1 59 ARG n 
1 60 PRO n 
1 61 TRP n 
1 62 CYS n 
1 63 TYR n 
1 64 THR n 
1 65 MET n 
1 66 ASP n 
1 67 PRO n 
1 68 SER n 
1 69 VAL n 
1 70 ARG n 
1 71 TRP n 
1 72 GLU n 
1 73 TYR n 
1 74 CYS n 
1 75 ASN n 
1 76 LEU n 
1 77 THR n 
1 78 GLN n 
1 79 CYS n 
1 80 PRO n 
1 81 VAL n 
1 82 MET n 
1 83 GLU n 
# 
_entity_src_gen.entity_id                          1 
_entity_src_gen.pdbx_src_id                        1 
_entity_src_gen.pdbx_alt_source_flag               sample 
_entity_src_gen.pdbx_seq_type                      ? 
_entity_src_gen.pdbx_beg_seq_num                   ? 
_entity_src_gen.pdbx_end_seq_num                   ? 
_entity_src_gen.gene_src_common_name               human 
_entity_src_gen.gene_src_genus                     Homo 
_entity_src_gen.pdbx_gene_src_gene                 ? 
_entity_src_gen.gene_src_species                   ? 
_entity_src_gen.gene_src_strain                    ? 
_entity_src_gen.gene_src_tissue                    ? 
_entity_src_gen.gene_src_tissue_fraction           ? 
_entity_src_gen.gene_src_details                   ? 
_entity_src_gen.pdbx_gene_src_fragment             ? 
_entity_src_gen.pdbx_gene_src_scientific_name      'Homo sapiens' 
_entity_src_gen.pdbx_gene_src_ncbi_taxonomy_id     9606 
_entity_src_gen.pdbx_gene_src_variant              ? 
_entity_src_gen.pdbx_gene_src_cell_line            ? 
_entity_src_gen.pdbx_gene_src_atcc                 ? 
_entity_src_gen.pdbx_gene_src_organ                ? 
_entity_src_gen.pdbx_gene_src_organelle            ? 
_entity_src_gen.pdbx_gene_src_cell                 ? 
_entity_src_gen.pdbx_gene_src_cellular_location    ? 
_entity_src_gen.host_org_common_name               ? 
_entity_src_gen.pdbx_host_org_scientific_name      'Escherichia coli' 
_entity_src_gen.pdbx_host_org_ncbi_taxonomy_id     562 
_entity_src_gen.host_org_genus                     Escherichia 
_entity_src_gen.pdbx_host_org_gene                 ? 
_entity_src_gen.pdbx_host_org_organ                ? 
_entity_src_gen.host_org_species                   ? 
_entity_src_gen.pdbx_host_org_tissue               ? 
_entity_src_gen.pdbx_host_org_tissue_fraction      ? 
_entity_src_gen.pdbx_host_org_strain               ? 
_entity_src_gen.pdbx_host_org_variant              ? 
_entity_src_gen.pdbx_host_org_cell_line            ? 
_entity_src_gen.pdbx_host_org_atcc                 ? 
_entity_src_gen.pdbx_host_org_culture_collection   ? 
_entity_src_gen.pdbx_host_org_cell                 ? 
_entity_src_gen.pdbx_host_org_organelle            ? 
_entity_src_gen.pdbx_host_org_cellular_location    ? 
_entity_src_gen.pdbx_host_org_vector_type          PLASMID 
_entity_src_gen.pdbx_host_org_vector               ? 
_entity_src_gen.host_org_details                   ? 
_entity_src_gen.expression_system_id               ? 
_entity_src_gen.plasmid_name                       PET16B 
_entity_src_gen.plasmid_details                    ? 
_entity_src_gen.pdbx_description                   ? 
# 
loop_
_chem_comp.id 
_chem_comp.type 
_chem_comp.mon_nstd_flag 
_chem_comp.name 
_chem_comp.pdbx_synonyms 
_chem_comp.formula 
_chem_comp.formula_weight 
ALA 'L-peptide linking' y ALANINE         ? 'C3 H7 N O2'     89.093  
ARG 'L-peptide linking' y ARGININE        ? 'C6 H15 N4 O2 1' 175.209 
ASN 'L-peptide linking' y ASPARAGINE      ? 'C4 H8 N2 O3'    132.118 
ASP 'L-peptide linking' y 'ASPARTIC ACID' ? 'C4 H7 N O4'     133.103 
CYS 'L-peptide linking' y CYSTEINE        ? 'C3 H7 N O2 S'   121.158 
GLN 'L-peptide linking' y GLUTAMINE       ? 'C5 H10 N2 O3'   146.144 
GLU 'L-peptide linking' y 'GLUTAMIC ACID' ? 'C5 H9 N O4'     147.129 
GLY 'peptide linking'   y GLYCINE         ? 'C2 H5 N O2'     75.067  
HIS 'L-peptide linking' y HISTIDINE       ? 'C6 H10 N3 O2 1' 156.162 
HOH non-polymer         . WATER           ? 'H2 O'           18.015  
ILE 'L-peptide linking' y ISOLEUCINE      ? 'C6 H13 N O2'    131.173 
LEU 'L-peptide linking' y LEUCINE         ? 'C6 H13 N O2'    131.173 
MET 'L-peptide linking' y METHIONINE      ? 'C5 H11 N O2 S'  149.211 
PHE 'L-peptide linking' y PHENYLALANINE   ? 'C9 H11 N O2'    165.189 
PRO 'L-peptide linking' y PROLINE         ? 'C5 H9 N O2'     115.130 
SER 'L-peptide linking' y SERINE          ? 'C3 H7 N O3'     105.093 
SO4 non-polymer         . 'SULFATE ION'   ? 'O4 S -2'        96.063  
THR 'L-peptide linking' y THREONINE       ? 'C4 H9 N O3'     119.119 
TRP 'L-peptide linking' y TRYPTOPHAN      ? 'C11 H12 N2 O2'  204.225 
TYR 'L-peptide linking' y TYROSINE        ? 'C9 H11 N O3'    181.189 
VAL 'L-peptide linking' y VALINE          ? 'C5 H11 N O2'    117.146 
# 
loop_
_pdbx_poly_seq_scheme.asym_id 
_pdbx_poly_seq_scheme.entity_id 
_pdbx_poly_seq_scheme.seq_id 
_pdbx_poly_seq_scheme.mon_id 
_pdbx_poly_seq_scheme.ndb_seq_num 
_pdbx_poly_seq_scheme.pdb_seq_num 
_pdbx_poly_seq_scheme.auth_seq_num 
_pdbx_poly_seq_scheme.pdb_mon_id 
_pdbx_poly_seq_scheme.auth_mon_id 
_pdbx_poly_seq_scheme.pdb_strand_id 
_pdbx_poly_seq_scheme.pdb_ins_code 
_pdbx_poly_seq_scheme.hetero 
A 1 1  ASP 1  0  0  ASP ASP A . n 
A 1 2  CYS 2  1  1  CYS CYS A . n 
A 1 3  TYR 3  2  2  TYR TYR A . n 
A 1 4  HIS 4  3  3  HIS HIS A . n 
A 1 5  GLY 5  4  4  GLY GLY A . n 
A 1 6  ASP 6  5  5  ASP ASP A . n 
A 1 7  GLY 7  6  6  GLY GLY A . n 
A 1 8  GLN 8  7  7  GLN GLN A . n 
A 1 9  SER 9  8  8  SER SER A . n 
A 1 10 TYR 10 9  9  TYR TYR A . n 
A 1 11 ARG 11 10 10 ARG ARG A . n 
A 1 12 GLY 12 11 11 GLY GLY A . n 
A 1 13 SER 13 12 12 SER SER A . n 
A 1 14 PHE 14 13 13 PHE PHE A . n 
A 1 15 SER 15 14 14 SER SER A . n 
A 1 16 THR 16 15 15 THR THR A . n 
A 1 17 THR 17 16 16 THR THR A . n 
A 1 18 VAL 18 17 17 VAL VAL A . n 
A 1 19 THR 19 18 18 THR THR A . n 
A 1 20 GLY 20 19 19 GLY GLY A . n 
A 1 21 ARG 21 20 20 ARG ARG A . n 
A 1 22 THR 22 21 21 THR THR A . n 
A 1 23 CYS 23 22 22 CYS CYS A . n 
A 1 24 GLN 24 23 23 GLN GLN A . n 
A 1 25 SER 25 24 24 SER SER A . n 
A 1 26 TRP 26 25 25 TRP TRP A . n 
A 1 27 SER 27 26 26 SER SER A . n 
A 1 28 SER 28 27 27 SER SER A . n 
A 1 29 MET 29 28 28 MET MET A . n 
A 1 30 THR 30 29 29 THR THR A . n 
A 1 31 PRO 31 30 30 PRO PRO A . n 
A 1 32 HIS 32 31 31 HIS HIS A . n 
A 1 33 TRP 33 32 32 TRP TRP A . n 
A 1 34 HIS 34 33 33 HIS HIS A . n 
A 1 35 GLN 35 34 34 GLN GLN A . n 
A 1 36 ARG 36 35 35 ARG ARG A . n 
A 1 37 THR 37 36 36 THR THR A . n 
A 1 38 THR 38 37 37 THR THR A . n 
A 1 39 GLU 39 38 38 GLU GLU A . n 
A 1 40 TYR 40 39 39 TYR TYR A . n 
A 1 41 TYR 41 40 40 TYR TYR A . n 
A 1 42 PRO 42 41 41 PRO PRO A . n 
A 1 43 ASN 43 42 42 ASN ASN A . n 
A 1 44 GLY 44 43 43 GLY GLY A . n 
A 1 45 GLY 45 44 44 GLY GLY A . n 
A 1 46 LEU 46 45 45 LEU LEU A . n 
A 1 47 THR 47 46 46 THR THR A . n 
A 1 48 ARG 48 47 47 ARG ARG A . n 
A 1 49 ASN 49 48 48 ASN ASN A . n 
A 1 50 TYR 50 49 49 TYR TYR A . n 
A 1 51 CYS 51 50 50 CYS CYS A . n 
A 1 52 ARG 52 51 51 ARG ARG A . n 
A 1 53 ASN 53 52 52 ASN ASN A . n 
A 1 54 PRO 54 53 53 PRO PRO A . n 
A 1 55 ASP 55 54 54 ASP ASP A . n 
A 1 56 ALA 56 55 55 ALA ALA A . n 
A 1 57 GLU 57 56 56 GLU GLU A . n 
A 1 58 ILE 58 57 57 ILE ILE A . n 
A 1 59 ARG 59 58 58 ARG ARG A . n 
A 1 60 PRO 60 59 59 PRO PRO A . n 
A 1 61 TRP 61 60 60 TRP TRP A . n 
A 1 62 CYS 62 61 61 CYS CYS A . n 
A 1 63 TYR 63 62 62 TYR TYR A . n 
A 1 64 THR 64 63 63 THR THR A . n 
A 1 65 MET 65 64 64 MET MET A . n 
A 1 66 ASP 66 65 65 ASP ASP A . n 
A 1 67 PRO 67 66 66 PRO PRO A . n 
A 1 68 SER 68 67 67 SER SER A . n 
A 1 69 VAL 69 68 68 VAL VAL A . n 
A 1 70 ARG 70 69 69 ARG ARG A . n 
A 1 71 TRP 71 70 70 TRP TRP A . n 
A 1 72 GLU 72 71 71 GLU GLU A . n 
A 1 73 TYR 73 72 72 TYR TYR A . n 
A 1 74 CYS 74 73 73 CYS CYS A . n 
A 1 75 ASN 75 74 74 ASN ASN A . n 
A 1 76 LEU 76 75 75 LEU LEU A . n 
A 1 77 THR 77 76 76 THR THR A . n 
A 1 78 GLN 78 77 77 GLN GLN A . n 
A 1 79 CYS 79 78 78 CYS CYS A . n 
A 1 80 PRO 80 79 79 PRO PRO A . n 
A 1 81 VAL 81 80 80 VAL VAL A . n 
A 1 82 MET 82 81 81 MET MET A . n 
A 1 83 GLU 83 82 82 GLU GLU A . n 
# 
loop_
_pdbx_nonpoly_scheme.asym_id 
_pdbx_nonpoly_scheme.entity_id 
_pdbx_nonpoly_scheme.mon_id 
_pdbx_nonpoly_scheme.ndb_seq_num 
_pdbx_nonpoly_scheme.pdb_seq_num 
_pdbx_nonpoly_scheme.auth_seq_num 
_pdbx_nonpoly_scheme.pdb_mon_id 
_pdbx_nonpoly_scheme.auth_mon_id 
_pdbx_nonpoly_scheme.pdb_strand_id 
_pdbx_nonpoly_scheme.pdb_ins_code 
B 2 SO4 1   300 300 SO4 SO4 A . 
C 3 HOH 1   100 100 HOH WAT A . 
C 3 HOH 2   101 101 HOH WAT A . 
C 3 HOH 3   102 102 HOH WAT A . 
C 3 HOH 4   103 103 HOH WAT A . 
C 3 HOH 5   104 104 HOH WAT A . 
C 3 HOH 6   105 105 HOH WAT A . 
C 3 HOH 7   106 106 HOH WAT A . 
C 3 HOH 8   107 107 HOH WAT A . 
C 3 HOH 9   108 108 HOH WAT A . 
C 3 HOH 10  109 109 HOH WAT A . 
C 3 HOH 11  110 110 HOH WAT A . 
C 3 HOH 12  111 111 HOH WAT A . 
C 3 HOH 13  112 112 HOH WAT A . 
C 3 HOH 14  113 113 HOH WAT A . 
C 3 HOH 15  114 114 HOH WAT A . 
C 3 HOH 16  115 115 HOH WAT A . 
C 3 HOH 17  116 116 HOH WAT A . 
C 3 HOH 18  117 117 HOH WAT A . 
C 3 HOH 19  118 118 HOH WAT A . 
C 3 HOH 20  119 119 HOH WAT A . 
C 3 HOH 21  120 120 HOH WAT A . 
C 3 HOH 22  121 121 HOH WAT A . 
C 3 HOH 23  122 122 HOH WAT A . 
C 3 HOH 24  123 123 HOH WAT A . 
C 3 HOH 25  124 124 HOH WAT A . 
C 3 HOH 26  125 125 HOH WAT A . 
C 3 HOH 27  126 126 HOH WAT A . 
C 3 HOH 28  127 127 HOH WAT A . 
C 3 HOH 29  128 128 HOH WAT A . 
C 3 HOH 30  129 129 HOH WAT A . 
C 3 HOH 31  130 130 HOH WAT A . 
C 3 HOH 32  131 131 HOH WAT A . 
C 3 HOH 33  132 132 HOH WAT A . 
C 3 HOH 34  133 133 HOH WAT A . 
C 3 HOH 35  134 134 HOH WAT A . 
C 3 HOH 36  135 135 HOH WAT A . 
C 3 HOH 37  136 136 HOH WAT A . 
C 3 HOH 38  137 137 HOH WAT A . 
C 3 HOH 39  138 138 HOH WAT A . 
C 3 HOH 40  139 139 HOH WAT A . 
C 3 HOH 41  140 140 HOH WAT A . 
C 3 HOH 42  141 141 HOH WAT A . 
C 3 HOH 43  142 142 HOH WAT A . 
C 3 HOH 44  143 143 HOH WAT A . 
C 3 HOH 45  144 144 HOH WAT A . 
C 3 HOH 46  145 145 HOH WAT A . 
C 3 HOH 47  146 146 HOH WAT A . 
C 3 HOH 48  147 147 HOH WAT A . 
C 3 HOH 49  148 148 HOH WAT A . 
C 3 HOH 50  149 149 HOH WAT A . 
C 3 HOH 51  150 150 HOH WAT A . 
C 3 HOH 52  151 151 HOH WAT A . 
C 3 HOH 53  152 152 HOH WAT A . 
C 3 HOH 54  153 153 HOH WAT A . 
C 3 HOH 55  154 154 HOH WAT A . 
C 3 HOH 56  155 155 HOH WAT A . 
C 3 HOH 57  156 156 HOH WAT A . 
C 3 HOH 58  157 157 HOH WAT A . 
C 3 HOH 59  158 158 HOH WAT A . 
C 3 HOH 60  159 159 HOH WAT A . 
C 3 HOH 61  160 160 HOH WAT A . 
C 3 HOH 62  161 161 HOH WAT A . 
C 3 HOH 63  162 162 HOH WAT A . 
C 3 HOH 64  163 163 HOH WAT A . 
C 3 HOH 65  164 164 HOH WAT A . 
C 3 HOH 66  165 165 HOH WAT A . 
C 3 HOH 67  166 166 HOH WAT A . 
C 3 HOH 68  167 167 HOH WAT A . 
C 3 HOH 69  168 168 HOH WAT A . 
C 3 HOH 70  169 169 HOH WAT A . 
C 3 HOH 71  170 170 HOH WAT A . 
C 3 HOH 72  171 171 HOH WAT A . 
C 3 HOH 73  172 172 HOH WAT A . 
C 3 HOH 74  173 173 HOH WAT A . 
C 3 HOH 75  174 174 HOH WAT A . 
C 3 HOH 76  175 175 HOH WAT A . 
C 3 HOH 77  176 176 HOH WAT A . 
C 3 HOH 78  177 177 HOH WAT A . 
C 3 HOH 79  178 178 HOH WAT A . 
C 3 HOH 80  179 179 HOH WAT A . 
C 3 HOH 81  180 180 HOH WAT A . 
C 3 HOH 82  181 181 HOH WAT A . 
C 3 HOH 83  182 182 HOH WAT A . 
C 3 HOH 84  183 183 HOH WAT A . 
C 3 HOH 85  184 184 HOH WAT A . 
C 3 HOH 86  185 185 HOH WAT A . 
C 3 HOH 87  186 186 HOH WAT A . 
C 3 HOH 88  187 187 HOH WAT A . 
C 3 HOH 89  188 188 HOH WAT A . 
C 3 HOH 90  189 189 HOH WAT A . 
C 3 HOH 91  190 190 HOH WAT A . 
C 3 HOH 92  191 191 HOH WAT A . 
C 3 HOH 93  192 192 HOH WAT A . 
C 3 HOH 94  193 193 HOH WAT A . 
C 3 HOH 95  194 194 HOH WAT A . 
C 3 HOH 96  195 195 HOH WAT A . 
C 3 HOH 97  196 196 HOH WAT A . 
C 3 HOH 98  197 197 HOH WAT A . 
C 3 HOH 99  198 198 HOH WAT A . 
C 3 HOH 100 199 199 HOH WAT A . 
C 3 HOH 101 200 200 HOH WAT A . 
C 3 HOH 102 201 201 HOH WAT A . 
C 3 HOH 103 202 202 HOH WAT A . 
C 3 HOH 104 203 203 HOH WAT A . 
C 3 HOH 105 204 204 HOH WAT A . 
C 3 HOH 106 205 205 HOH WAT A . 
C 3 HOH 107 206 206 HOH WAT A . 
C 3 HOH 108 207 207 HOH WAT A . 
C 3 HOH 109 208 208 HOH WAT A . 
C 3 HOH 110 209 209 HOH WAT A . 
C 3 HOH 111 210 210 HOH WAT A . 
C 3 HOH 112 211 211 HOH WAT A . 
C 3 HOH 113 212 212 HOH WAT A . 
C 3 HOH 114 213 213 HOH WAT A . 
C 3 HOH 115 214 214 HOH WAT A . 
C 3 HOH 116 215 215 HOH WAT A . 
# 
loop_
_software.name 
_software.classification 
_software.version 
_software.citation_id 
_software.pdbx_ordinal 
DENZO     'data reduction' .   ? 1 
SCALEPACK 'data scaling'   .   ? 2 
EPMR      phasing          .   ? 3 
CNS       refinement       1.0 ? 4 
# 
_cell.entry_id           1I71 
_cell.length_a           35.11 
_cell.length_b           40.49 
_cell.length_c           65.46 
_cell.angle_alpha        90.00 
_cell.angle_beta         90.00 
_cell.angle_gamma        90.00 
_cell.Z_PDB              4 
_cell.pdbx_unique_axis   ? 
# 
_symmetry.entry_id                         1I71 
_symmetry.space_group_name_H-M             'P 21 21 21' 
_symmetry.pdbx_full_space_group_name_H-M   ? 
_symmetry.cell_setting                     ? 
_symmetry.Int_Tables_number                19 
# 
_exptl.entry_id          1I71 
_exptl.method            'X-RAY DIFFRACTION' 
_exptl.crystals_number   1 
# 
_exptl_crystal.id                    1 
_exptl_crystal.density_meas          ? 
_exptl_crystal.density_Matthews      2.38 
_exptl_crystal.density_percent_sol   48.27 
_exptl_crystal.description           ? 
# 
_exptl_crystal_grow.crystal_id      1 
_exptl_crystal_grow.method          'VAPOR DIFFUSION, HANGING DROP' 
_exptl_crystal_grow.temp            298 
_exptl_crystal_grow.temp_details    ? 
_exptl_crystal_grow.pH              5.5 
_exptl_crystal_grow.pdbx_details    
'Ammonium sulfate, 2-[N-morpholino]ethane sulfonic acid, , pH 5.5, VAPOR DIFFUSION, HANGING DROP, temperature 298K' 
_exptl_crystal_grow.pdbx_pH_range   ? 
# 
_diffrn.id                     1 
_diffrn.ambient_temp           100 
_diffrn.ambient_temp_details   ? 
_diffrn.crystal_id             1 
# 
_diffrn_detector.diffrn_id              1 
_diffrn_detector.detector               CCD 
_diffrn_detector.type                   'ADSC QUANTUM 4' 
_diffrn_detector.pdbx_collection_date   2000-07-20 
_diffrn_detector.details                'synchrotron optics' 
# 
_diffrn_radiation.diffrn_id                        1 
_diffrn_radiation.wavelength_id                    1 
_diffrn_radiation.pdbx_monochromatic_or_laue_m_l   M 
_diffrn_radiation.monochromator                    'CHESS A1 optics' 
_diffrn_radiation.pdbx_diffrn_protocol             'SINGLE WAVELENGTH' 
_diffrn_radiation.pdbx_scattering_type             x-ray 
# 
_diffrn_radiation_wavelength.id           1 
_diffrn_radiation_wavelength.wavelength   0.9479 
_diffrn_radiation_wavelength.wt           1.0 
# 
_diffrn_source.diffrn_id                   1 
_diffrn_source.source                      SYNCHROTRON 
_diffrn_source.type                        'CHESS BEAMLINE A1' 
_diffrn_source.pdbx_synchrotron_site       CHESS 
_diffrn_source.pdbx_synchrotron_beamline   A1 
_diffrn_source.pdbx_wavelength             ? 
_diffrn_source.pdbx_wavelength_list        0.9479 
# 
_reflns.entry_id                     1I71 
_reflns.observed_criterion_sigma_I   0 
_reflns.observed_criterion_sigma_F   0 
_reflns.d_resolution_low             25.00 
_reflns.d_resolution_high            1.45 
_reflns.number_obs                   48859 
_reflns.number_all                   48859 
_reflns.percent_possible_obs         100 
_reflns.pdbx_Rmerge_I_obs            0.06 
_reflns.pdbx_Rsym_value              0.069 
_reflns.pdbx_netI_over_sigmaI        14.8 
_reflns.B_iso_Wilson_estimate        15.9 
_reflns.pdbx_redundancy              2.9 
_reflns.R_free_details               ? 
_reflns.limit_h_max                  ? 
_reflns.limit_h_min                  ? 
_reflns.limit_k_max                  ? 
_reflns.limit_k_min                  ? 
_reflns.limit_l_max                  ? 
_reflns.limit_l_min                  ? 
_reflns.observed_criterion_F_max     ? 
_reflns.observed_criterion_F_min     ? 
_reflns.pdbx_diffrn_id               1 
_reflns.pdbx_ordinal                 1 
# 
_reflns_shell.d_res_high             1.45 
_reflns_shell.d_res_low              1.50 
_reflns_shell.percent_possible_all   96.7 
_reflns_shell.Rmerge_I_obs           0.2 
_reflns_shell.pdbx_Rsym_value        0.239 
_reflns_shell.meanI_over_sigI_obs    2.6 
_reflns_shell.pdbx_redundancy        1.1 
_reflns_shell.percent_possible_obs   ? 
_reflns_shell.number_unique_all      1070 
_reflns_shell.pdbx_diffrn_id         ? 
_reflns_shell.pdbx_ordinal           1 
# 
_refine.entry_id                                 1I71 
_refine.ls_number_reflns_obs                     15494 
_refine.ls_number_reflns_all                     16857 
_refine.pdbx_ls_sigma_I                          0 
_refine.pdbx_ls_sigma_F                          0 
_refine.pdbx_data_cutoff_high_absF               ? 
_refine.pdbx_data_cutoff_low_absF                ? 
_refine.ls_d_res_low                             6.0 
_refine.ls_d_res_high                            1.45 
_refine.ls_percent_reflns_obs                    91.9 
_refine.ls_R_factor_obs                          0.173 
_refine.ls_R_factor_all                          0.173 
_refine.ls_R_factor_R_work                       0.173 
_refine.ls_R_factor_R_free                       0.2 
_refine.ls_R_factor_R_free_error                 ? 
_refine.ls_R_factor_R_free_error_details         ? 
_refine.ls_percent_reflns_R_free                 ? 
_refine.ls_number_reflns_R_free                  1571 
_refine.ls_number_parameters                     ? 
_refine.ls_number_restraints                     ? 
_refine.occupancy_min                            ? 
_refine.occupancy_max                            ? 
_refine.B_iso_mean                               ? 
_refine.aniso_B[1][1]                            ? 
_refine.aniso_B[2][2]                            ? 
_refine.aniso_B[3][3]                            ? 
_refine.aniso_B[1][2]                            ? 
_refine.aniso_B[1][3]                            ? 
_refine.aniso_B[2][3]                            ? 
_refine.solvent_model_details                    ? 
_refine.solvent_model_param_ksol                 ? 
_refine.solvent_model_param_bsol                 ? 
_refine.pdbx_ls_cross_valid_method               THROUGHOUT 
_refine.details                                  ? 
_refine.pdbx_starting_model                      'PDB ENTRY 1PK4' 
_refine.pdbx_method_to_determine_struct          'MOLECULAR REPLACEMENT' 
_refine.pdbx_isotropic_thermal_model             Isotropic 
_refine.pdbx_stereochemistry_target_values       'Engh & Huber' 
_refine.pdbx_stereochem_target_val_spec_case     ? 
_refine.pdbx_R_Free_selection_details            Random 
_refine.pdbx_overall_ESU_R_Free                  ? 
_refine.overall_SU_B                             ? 
_refine.ls_redundancy_reflns_obs                 ? 
_refine.B_iso_min                                ? 
_refine.B_iso_max                                ? 
_refine.correlation_coeff_Fo_to_Fc               ? 
_refine.correlation_coeff_Fo_to_Fc_free          ? 
_refine.overall_SU_R_Cruickshank_DPI             ? 
_refine.overall_SU_R_free                        ? 
_refine.overall_SU_ML                            ? 
_refine.pdbx_overall_ESU_R                       ? 
_refine.pdbx_data_cutoff_high_rms_absF           ? 
_refine.pdbx_refine_id                           'X-RAY DIFFRACTION' 
_refine.pdbx_diffrn_id                           1 
_refine.pdbx_TLS_residual_ADP_flag               ? 
_refine.pdbx_solvent_vdw_probe_radii             ? 
_refine.pdbx_solvent_ion_probe_radii             ? 
_refine.pdbx_solvent_shrinkage_radii             ? 
_refine.pdbx_overall_phase_error                 ? 
_refine.pdbx_overall_SU_R_free_Cruickshank_DPI   ? 
_refine.pdbx_overall_SU_R_Blow_DPI               ? 
_refine.pdbx_overall_SU_R_free_Blow_DPI          ? 
# 
_refine_hist.pdbx_refine_id                   'X-RAY DIFFRACTION' 
_refine_hist.cycle_id                         LAST 
_refine_hist.pdbx_number_atoms_protein        683 
_refine_hist.pdbx_number_atoms_nucleic_acid   0 
_refine_hist.pdbx_number_atoms_ligand         5 
_refine_hist.number_atoms_solvent             116 
_refine_hist.number_atoms_total               804 
_refine_hist.d_res_high                       1.45 
_refine_hist.d_res_low                        6.0 
# 
loop_
_refine_ls_restr.type 
_refine_ls_restr.dev_ideal 
_refine_ls_restr.dev_ideal_target 
_refine_ls_restr.weight 
_refine_ls_restr.number 
_refine_ls_restr.pdbx_refine_id 
_refine_ls_restr.pdbx_restraint_function 
c_bond_d    0.004 ? ? ? 'X-RAY DIFFRACTION' ? 
c_angle_deg 1.16  ? ? ? 'X-RAY DIFFRACTION' ? 
# 
_struct.entry_id                  1I71 
_struct.title                     
'HIGH RESOLUTION CRYSTAL STRUCTURE OF APOLIPOPROTEIN(A) KRINGLE IV TYPE 7: INSIGHTS INTO LIGAND BINDING' 
_struct.pdbx_model_details        ? 
_struct.pdbx_CASP_flag            ? 
_struct.pdbx_model_type_details   ? 
# 
_struct_keywords.entry_id        1I71 
_struct_keywords.pdbx_keywords   HYDROLASE 
_struct_keywords.text            'alipoprotein(a), kringle, protein-ligand interaction, lysine binding, HYDROLASE' 
# 
loop_
_struct_asym.id 
_struct_asym.pdbx_blank_PDB_chainid_flag 
_struct_asym.pdbx_modified 
_struct_asym.entity_id 
_struct_asym.details 
A N N 1 ? 
B N N 2 ? 
C N N 3 ? 
# 
_struct_ref.id                         1 
_struct_ref.db_name                    UNP 
_struct_ref.db_code                    APOA_HUMAN 
_struct_ref.entity_id                  1 
_struct_ref.pdbx_db_accession          P08519 
_struct_ref.pdbx_align_begin           3781 
_struct_ref.pdbx_seq_one_letter_code   
;DCYHGDGQSYRGSFSTTVTGRTCQSWSSMTPHWHQRTTEYYPNGGLTRNYCRNPDAEIRPWCYTMDPSVRWEYCNLTQCP
VME
;
_struct_ref.pdbx_db_isoform            ? 
# 
_struct_ref_seq.align_id                      1 
_struct_ref_seq.ref_id                        1 
_struct_ref_seq.pdbx_PDB_id_code              1I71 
_struct_ref_seq.pdbx_strand_id                A 
_struct_ref_seq.seq_align_beg                 1 
_struct_ref_seq.pdbx_seq_align_beg_ins_code   ? 
_struct_ref_seq.seq_align_end                 83 
_struct_ref_seq.pdbx_seq_align_end_ins_code   ? 
_struct_ref_seq.pdbx_db_accession             P08519 
_struct_ref_seq.db_align_beg                  3781 
_struct_ref_seq.pdbx_db_align_beg_ins_code    ? 
_struct_ref_seq.db_align_end                  3863 
_struct_ref_seq.pdbx_db_align_end_ins_code    ? 
_struct_ref_seq.pdbx_auth_seq_align_beg       0 
_struct_ref_seq.pdbx_auth_seq_align_end       82 
# 
_pdbx_struct_assembly.id                   1 
_pdbx_struct_assembly.details              author_defined_assembly 
_pdbx_struct_assembly.method_details       ? 
_pdbx_struct_assembly.oligomeric_details   monomeric 
_pdbx_struct_assembly.oligomeric_count     1 
# 
_pdbx_struct_assembly_gen.assembly_id       1 
_pdbx_struct_assembly_gen.oper_expression   1 
_pdbx_struct_assembly_gen.asym_id_list      A,B,C 
# 
_pdbx_struct_oper_list.id                   1 
_pdbx_struct_oper_list.type                 'identity operation' 
_pdbx_struct_oper_list.name                 1_555 
_pdbx_struct_oper_list.symmetry_operation   x,y,z 
_pdbx_struct_oper_list.matrix[1][1]         1.0000000000 
_pdbx_struct_oper_list.matrix[1][2]         0.0000000000 
_pdbx_struct_oper_list.matrix[1][3]         0.0000000000 
_pdbx_struct_oper_list.vector[1]            0.0000000000 
_pdbx_struct_oper_list.matrix[2][1]         0.0000000000 
_pdbx_struct_oper_list.matrix[2][2]         1.0000000000 
_pdbx_struct_oper_list.matrix[2][3]         0.0000000000 
_pdbx_struct_oper_list.vector[2]            0.0000000000 
_pdbx_struct_oper_list.matrix[3][1]         0.0000000000 
_pdbx_struct_oper_list.matrix[3][2]         0.0000000000 
_pdbx_struct_oper_list.matrix[3][3]         1.0000000000 
_pdbx_struct_oper_list.vector[3]            0.0000000000 
# 
_struct_biol.id                    1 
_struct_biol.pdbx_parent_biol_id   ? 
_struct_biol.details               ? 
# 
loop_
_struct_conn.id 
_struct_conn.conn_type_id 
_struct_conn.pdbx_leaving_atom_flag 
_struct_conn.pdbx_PDB_id 
_struct_conn.ptnr1_label_asym_id 
_struct_conn.ptnr1_label_comp_id 
_struct_conn.ptnr1_label_seq_id 
_struct_conn.ptnr1_label_atom_id 
_struct_conn.pdbx_ptnr1_label_alt_id 
_struct_conn.pdbx_ptnr1_PDB_ins_code 
_struct_conn.pdbx_ptnr1_standard_comp_id 
_struct_conn.ptnr1_symmetry 
_struct_conn.ptnr2_label_asym_id 
_struct_conn.ptnr2_label_comp_id 
_struct_conn.ptnr2_label_seq_id 
_struct_conn.ptnr2_label_atom_id 
_struct_conn.pdbx_ptnr2_label_alt_id 
_struct_conn.pdbx_ptnr2_PDB_ins_code 
_struct_conn.ptnr1_auth_asym_id 
_struct_conn.ptnr1_auth_comp_id 
_struct_conn.ptnr1_auth_seq_id 
_struct_conn.ptnr2_auth_asym_id 
_struct_conn.ptnr2_auth_comp_id 
_struct_conn.ptnr2_auth_seq_id 
_struct_conn.ptnr2_symmetry 
_struct_conn.pdbx_ptnr3_label_atom_id 
_struct_conn.pdbx_ptnr3_label_seq_id 
_struct_conn.pdbx_ptnr3_label_comp_id 
_struct_conn.pdbx_ptnr3_label_asym_id 
_struct_conn.pdbx_ptnr3_label_alt_id 
_struct_conn.pdbx_ptnr3_PDB_ins_code 
_struct_conn.details 
_struct_conn.pdbx_dist_value 
_struct_conn.pdbx_value_order 
_struct_conn.pdbx_role 
disulf1 disulf ? ? A CYS 2  SG ? ? ? 1_555 A CYS 79 SG ? ? A CYS 1  A CYS 78 1_555 ? ? ? ? ? ? ? 2.031 ? ? 
disulf2 disulf ? ? A CYS 23 SG ? ? ? 1_555 A CYS 62 SG ? ? A CYS 22 A CYS 61 1_555 ? ? ? ? ? ? ? 2.025 ? ? 
disulf3 disulf ? ? A CYS 51 SG ? ? ? 1_555 A CYS 74 SG ? ? A CYS 50 A CYS 73 1_555 ? ? ? ? ? ? ? 2.019 ? ? 
# 
_struct_conn_type.id          disulf 
_struct_conn_type.criteria    ? 
_struct_conn_type.reference   ? 
# 
loop_
_pdbx_modification_feature.ordinal 
_pdbx_modification_feature.label_comp_id 
_pdbx_modification_feature.label_asym_id 
_pdbx_modification_feature.label_seq_id 
_pdbx_modification_feature.label_alt_id 
_pdbx_modification_feature.modified_residue_label_comp_id 
_pdbx_modification_feature.modified_residue_label_asym_id 
_pdbx_modification_feature.modified_residue_label_seq_id 
_pdbx_modification_feature.modified_residue_label_alt_id 
_pdbx_modification_feature.auth_comp_id 
_pdbx_modification_feature.auth_asym_id 
_pdbx_modification_feature.auth_seq_id 
_pdbx_modification_feature.PDB_ins_code 
_pdbx_modification_feature.symmetry 
_pdbx_modification_feature.modified_residue_auth_comp_id 
_pdbx_modification_feature.modified_residue_auth_asym_id 
_pdbx_modification_feature.modified_residue_auth_seq_id 
_pdbx_modification_feature.modified_residue_PDB_ins_code 
_pdbx_modification_feature.modified_residue_symmetry 
_pdbx_modification_feature.comp_id_linking_atom 
_pdbx_modification_feature.modified_residue_id_linking_atom 
_pdbx_modification_feature.modified_residue_id 
_pdbx_modification_feature.ref_pcm_id 
_pdbx_modification_feature.ref_comp_id 
_pdbx_modification_feature.type 
_pdbx_modification_feature.category 
1 CYS A 2  ? CYS A 79 ? CYS A 1  ? 1_555 CYS A 78 ? 1_555 SG SG . . . None 'Disulfide bridge' 
2 CYS A 23 ? CYS A 62 ? CYS A 22 ? 1_555 CYS A 61 ? 1_555 SG SG . . . None 'Disulfide bridge' 
3 CYS A 51 ? CYS A 74 ? CYS A 50 ? 1_555 CYS A 73 ? 1_555 SG SG . . . None 'Disulfide bridge' 
# 
_struct_mon_prot_cis.pdbx_id                1 
_struct_mon_prot_cis.label_comp_id          THR 
_struct_mon_prot_cis.label_seq_id           30 
_struct_mon_prot_cis.label_asym_id          A 
_struct_mon_prot_cis.label_alt_id           . 
_struct_mon_prot_cis.pdbx_PDB_ins_code      ? 
_struct_mon_prot_cis.auth_comp_id           THR 
_struct_mon_prot_cis.auth_seq_id            29 
_struct_mon_prot_cis.auth_asym_id           A 
_struct_mon_prot_cis.pdbx_label_comp_id_2   PRO 
_struct_mon_prot_cis.pdbx_label_seq_id_2    31 
_struct_mon_prot_cis.pdbx_label_asym_id_2   A 
_struct_mon_prot_cis.pdbx_PDB_ins_code_2    ? 
_struct_mon_prot_cis.pdbx_auth_comp_id_2    PRO 
_struct_mon_prot_cis.pdbx_auth_seq_id_2     30 
_struct_mon_prot_cis.pdbx_auth_asym_id_2    A 
_struct_mon_prot_cis.pdbx_PDB_model_num     1 
_struct_mon_prot_cis.pdbx_omega_angle       0.04 
# 
loop_
_struct_sheet.id 
_struct_sheet.type 
_struct_sheet.number_strands 
_struct_sheet.details 
A ? 2 ? 
B ? 2 ? 
# 
loop_
_struct_sheet_order.sheet_id 
_struct_sheet_order.range_id_1 
_struct_sheet_order.range_id_2 
_struct_sheet_order.offset 
_struct_sheet_order.sense 
A 1 2 ? parallel      
B 1 2 ? anti-parallel 
# 
loop_
_struct_sheet_range.sheet_id 
_struct_sheet_range.id 
_struct_sheet_range.beg_label_comp_id 
_struct_sheet_range.beg_label_asym_id 
_struct_sheet_range.beg_label_seq_id 
_struct_sheet_range.pdbx_beg_PDB_ins_code 
_struct_sheet_range.end_label_comp_id 
_struct_sheet_range.end_label_asym_id 
_struct_sheet_range.end_label_seq_id 
_struct_sheet_range.pdbx_end_PDB_ins_code 
_struct_sheet_range.beg_auth_comp_id 
_struct_sheet_range.beg_auth_asym_id 
_struct_sheet_range.beg_auth_seq_id 
_struct_sheet_range.end_auth_comp_id 
_struct_sheet_range.end_auth_asym_id 
_struct_sheet_range.end_auth_seq_id 
A 1 CYS A 2  ? TYR A 3  ? CYS A 1  TYR A 2  
A 2 THR A 77 ? GLN A 78 ? THR A 76 GLN A 77 
B 1 TRP A 61 ? TYR A 63 ? TRP A 60 TYR A 62 
B 2 TRP A 71 ? TYR A 73 ? TRP A 70 TYR A 72 
# 
loop_
_pdbx_struct_sheet_hbond.sheet_id 
_pdbx_struct_sheet_hbond.range_id_1 
_pdbx_struct_sheet_hbond.range_id_2 
_pdbx_struct_sheet_hbond.range_1_label_atom_id 
_pdbx_struct_sheet_hbond.range_1_label_comp_id 
_pdbx_struct_sheet_hbond.range_1_label_asym_id 
_pdbx_struct_sheet_hbond.range_1_label_seq_id 
_pdbx_struct_sheet_hbond.range_1_PDB_ins_code 
_pdbx_struct_sheet_hbond.range_1_auth_atom_id 
_pdbx_struct_sheet_hbond.range_1_auth_comp_id 
_pdbx_struct_sheet_hbond.range_1_auth_asym_id 
_pdbx_struct_sheet_hbond.range_1_auth_seq_id 
_pdbx_struct_sheet_hbond.range_2_label_atom_id 
_pdbx_struct_sheet_hbond.range_2_label_comp_id 
_pdbx_struct_sheet_hbond.range_2_label_asym_id 
_pdbx_struct_sheet_hbond.range_2_label_seq_id 
_pdbx_struct_sheet_hbond.range_2_PDB_ins_code 
_pdbx_struct_sheet_hbond.range_2_auth_atom_id 
_pdbx_struct_sheet_hbond.range_2_auth_comp_id 
_pdbx_struct_sheet_hbond.range_2_auth_asym_id 
_pdbx_struct_sheet_hbond.range_2_auth_seq_id 
A 1 2 N TYR A 3  ? N TYR A 2  O THR A 77 ? O THR A 76 
B 1 2 O CYS A 62 ? O CYS A 61 N GLU A 72 ? N GLU A 71 
# 
_struct_site.id                   AC1 
_struct_site.pdbx_evidence_code   Software 
_struct_site.pdbx_auth_asym_id    A 
_struct_site.pdbx_auth_comp_id    SO4 
_struct_site.pdbx_auth_seq_id     300 
_struct_site.pdbx_auth_ins_code   ? 
_struct_site.pdbx_num_residues    11 
_struct_site.details              'BINDING SITE FOR RESIDUE SO4 A 300' 
# 
loop_
_struct_site_gen.id 
_struct_site_gen.site_id 
_struct_site_gen.pdbx_num_res 
_struct_site_gen.label_comp_id 
_struct_site_gen.label_asym_id 
_struct_site_gen.label_seq_id 
_struct_site_gen.pdbx_auth_ins_code 
_struct_site_gen.auth_comp_id 
_struct_site_gen.auth_asym_id 
_struct_site_gen.auth_seq_id 
_struct_site_gen.label_atom_id 
_struct_site_gen.label_alt_id 
_struct_site_gen.symmetry 
_struct_site_gen.details 
1  AC1 11 SER A 27 ? SER A 26  . ? 4_465 ? 
2  AC1 11 ARG A 36 ? ARG A 35  . ? 1_555 ? 
3  AC1 11 TYR A 63 ? TYR A 62  . ? 1_555 ? 
4  AC1 11 ARG A 70 ? ARG A 69  . ? 1_555 ? 
5  AC1 11 PRO A 80 ? PRO A 79  . ? 3_645 ? 
6  AC1 11 VAL A 81 ? VAL A 80  . ? 3_645 ? 
7  AC1 11 HOH C .  ? HOH A 126 . ? 3_645 ? 
8  AC1 11 HOH C .  ? HOH A 133 . ? 4_465 ? 
9  AC1 11 HOH C .  ? HOH A 157 . ? 1_555 ? 
10 AC1 11 HOH C .  ? HOH A 201 . ? 3_645 ? 
11 AC1 11 HOH C .  ? HOH A 213 . ? 3_645 ? 
# 
_pdbx_entry_details.entry_id                   1I71 
_pdbx_entry_details.compound_details           ? 
_pdbx_entry_details.source_details             ? 
_pdbx_entry_details.nonpolymer_details         ? 
_pdbx_entry_details.sequence_details           ? 
_pdbx_entry_details.has_ligand_of_interest     ? 
_pdbx_entry_details.has_protein_modification   Y 
# 
loop_
_pdbx_validate_torsion.id 
_pdbx_validate_torsion.PDB_model_num 
_pdbx_validate_torsion.auth_comp_id 
_pdbx_validate_torsion.auth_asym_id 
_pdbx_validate_torsion.auth_seq_id 
_pdbx_validate_torsion.PDB_ins_code 
_pdbx_validate_torsion.label_alt_id 
_pdbx_validate_torsion.phi 
_pdbx_validate_torsion.psi 
1 1 SER A 14 ? ? -148.53 35.96   
2 1 ARG A 47 ? ? 43.33   -123.86 
3 1 ASP A 54 ? ? -111.69 -128.49 
# 
loop_
_chem_comp_atom.comp_id 
_chem_comp_atom.atom_id 
_chem_comp_atom.type_symbol 
_chem_comp_atom.pdbx_aromatic_flag 
_chem_comp_atom.pdbx_stereo_config 
_chem_comp_atom.pdbx_ordinal 
ALA N    N N N 1   
ALA CA   C N S 2   
ALA C    C N N 3   
ALA O    O N N 4   
ALA CB   C N N 5   
ALA OXT  O N N 6   
ALA H    H N N 7   
ALA H2   H N N 8   
ALA HA   H N N 9   
ALA HB1  H N N 10  
ALA HB2  H N N 11  
ALA HB3  H N N 12  
ALA HXT  H N N 13  
ARG N    N N N 14  
ARG CA   C N S 15  
ARG C    C N N 16  
ARG O    O N N 17  
ARG CB   C N N 18  
ARG CG   C N N 19  
ARG CD   C N N 20  
ARG NE   N N N 21  
ARG CZ   C N N 22  
ARG NH1  N N N 23  
ARG NH2  N N N 24  
ARG OXT  O N N 25  
ARG H    H N N 26  
ARG H2   H N N 27  
ARG HA   H N N 28  
ARG HB2  H N N 29  
ARG HB3  H N N 30  
ARG HG2  H N N 31  
ARG HG3  H N N 32  
ARG HD2  H N N 33  
ARG HD3  H N N 34  
ARG HE   H N N 35  
ARG HH11 H N N 36  
ARG HH12 H N N 37  
ARG HH21 H N N 38  
ARG HH22 H N N 39  
ARG HXT  H N N 40  
ASN N    N N N 41  
ASN CA   C N S 42  
ASN C    C N N 43  
ASN O    O N N 44  
ASN CB   C N N 45  
ASN CG   C N N 46  
ASN OD1  O N N 47  
ASN ND2  N N N 48  
ASN OXT  O N N 49  
ASN H    H N N 50  
ASN H2   H N N 51  
ASN HA   H N N 52  
ASN HB2  H N N 53  
ASN HB3  H N N 54  
ASN HD21 H N N 55  
ASN HD22 H N N 56  
ASN HXT  H N N 57  
ASP N    N N N 58  
ASP CA   C N S 59  
ASP C    C N N 60  
ASP O    O N N 61  
ASP CB   C N N 62  
ASP CG   C N N 63  
ASP OD1  O N N 64  
ASP OD2  O N N 65  
ASP OXT  O N N 66  
ASP H    H N N 67  
ASP H2   H N N 68  
ASP HA   H N N 69  
ASP HB2  H N N 70  
ASP HB3  H N N 71  
ASP HD2  H N N 72  
ASP HXT  H N N 73  
CYS N    N N N 74  
CYS CA   C N R 75  
CYS C    C N N 76  
CYS O    O N N 77  
CYS CB   C N N 78  
CYS SG   S N N 79  
CYS OXT  O N N 80  
CYS H    H N N 81  
CYS H2   H N N 82  
CYS HA   H N N 83  
CYS HB2  H N N 84  
CYS HB3  H N N 85  
CYS HG   H N N 86  
CYS HXT  H N N 87  
GLN N    N N N 88  
GLN CA   C N S 89  
GLN C    C N N 90  
GLN O    O N N 91  
GLN CB   C N N 92  
GLN CG   C N N 93  
GLN CD   C N N 94  
GLN OE1  O N N 95  
GLN NE2  N N N 96  
GLN OXT  O N N 97  
GLN H    H N N 98  
GLN H2   H N N 99  
GLN HA   H N N 100 
GLN HB2  H N N 101 
GLN HB3  H N N 102 
GLN HG2  H N N 103 
GLN HG3  H N N 104 
GLN HE21 H N N 105 
GLN HE22 H N N 106 
GLN HXT  H N N 107 
GLU N    N N N 108 
GLU CA   C N S 109 
GLU C    C N N 110 
GLU O    O N N 111 
GLU CB   C N N 112 
GLU CG   C N N 113 
GLU CD   C N N 114 
GLU OE1  O N N 115 
GLU OE2  O N N 116 
GLU OXT  O N N 117 
GLU H    H N N 118 
GLU H2   H N N 119 
GLU HA   H N N 120 
GLU HB2  H N N 121 
GLU HB3  H N N 122 
GLU HG2  H N N 123 
GLU HG3  H N N 124 
GLU HE2  H N N 125 
GLU HXT  H N N 126 
GLY N    N N N 127 
GLY CA   C N N 128 
GLY C    C N N 129 
GLY O    O N N 130 
GLY OXT  O N N 131 
GLY H    H N N 132 
GLY H2   H N N 133 
GLY HA2  H N N 134 
GLY HA3  H N N 135 
GLY HXT  H N N 136 
HIS N    N N N 137 
HIS CA   C N S 138 
HIS C    C N N 139 
HIS O    O N N 140 
HIS CB   C N N 141 
HIS CG   C Y N 142 
HIS ND1  N Y N 143 
HIS CD2  C Y N 144 
HIS CE1  C Y N 145 
HIS NE2  N Y N 146 
HIS OXT  O N N 147 
HIS H    H N N 148 
HIS H2   H N N 149 
HIS HA   H N N 150 
HIS HB2  H N N 151 
HIS HB3  H N N 152 
HIS HD1  H N N 153 
HIS HD2  H N N 154 
HIS HE1  H N N 155 
HIS HE2  H N N 156 
HIS HXT  H N N 157 
HOH O    O N N 158 
HOH H1   H N N 159 
HOH H2   H N N 160 
ILE N    N N N 161 
ILE CA   C N S 162 
ILE C    C N N 163 
ILE O    O N N 164 
ILE CB   C N S 165 
ILE CG1  C N N 166 
ILE CG2  C N N 167 
ILE CD1  C N N 168 
ILE OXT  O N N 169 
ILE H    H N N 170 
ILE H2   H N N 171 
ILE HA   H N N 172 
ILE HB   H N N 173 
ILE HG12 H N N 174 
ILE HG13 H N N 175 
ILE HG21 H N N 176 
ILE HG22 H N N 177 
ILE HG23 H N N 178 
ILE HD11 H N N 179 
ILE HD12 H N N 180 
ILE HD13 H N N 181 
ILE HXT  H N N 182 
LEU N    N N N 183 
LEU CA   C N S 184 
LEU C    C N N 185 
LEU O    O N N 186 
LEU CB   C N N 187 
LEU CG   C N N 188 
LEU CD1  C N N 189 
LEU CD2  C N N 190 
LEU OXT  O N N 191 
LEU H    H N N 192 
LEU H2   H N N 193 
LEU HA   H N N 194 
LEU HB2  H N N 195 
LEU HB3  H N N 196 
LEU HG   H N N 197 
LEU HD11 H N N 198 
LEU HD12 H N N 199 
LEU HD13 H N N 200 
LEU HD21 H N N 201 
LEU HD22 H N N 202 
LEU HD23 H N N 203 
LEU HXT  H N N 204 
MET N    N N N 205 
MET CA   C N S 206 
MET C    C N N 207 
MET O    O N N 208 
MET CB   C N N 209 
MET CG   C N N 210 
MET SD   S N N 211 
MET CE   C N N 212 
MET OXT  O N N 213 
MET H    H N N 214 
MET H2   H N N 215 
MET HA   H N N 216 
MET HB2  H N N 217 
MET HB3  H N N 218 
MET HG2  H N N 219 
MET HG3  H N N 220 
MET HE1  H N N 221 
MET HE2  H N N 222 
MET HE3  H N N 223 
MET HXT  H N N 224 
PHE N    N N N 225 
PHE CA   C N S 226 
PHE C    C N N 227 
PHE O    O N N 228 
PHE CB   C N N 229 
PHE CG   C Y N 230 
PHE CD1  C Y N 231 
PHE CD2  C Y N 232 
PHE CE1  C Y N 233 
PHE CE2  C Y N 234 
PHE CZ   C Y N 235 
PHE OXT  O N N 236 
PHE H    H N N 237 
PHE H2   H N N 238 
PHE HA   H N N 239 
PHE HB2  H N N 240 
PHE HB3  H N N 241 
PHE HD1  H N N 242 
PHE HD2  H N N 243 
PHE HE1  H N N 244 
PHE HE2  H N N 245 
PHE HZ   H N N 246 
PHE HXT  H N N 247 
PRO N    N N N 248 
PRO CA   C N S 249 
PRO C    C N N 250 
PRO O    O N N 251 
PRO CB   C N N 252 
PRO CG   C N N 253 
PRO CD   C N N 254 
PRO OXT  O N N 255 
PRO H    H N N 256 
PRO HA   H N N 257 
PRO HB2  H N N 258 
PRO HB3  H N N 259 
PRO HG2  H N N 260 
PRO HG3  H N N 261 
PRO HD2  H N N 262 
PRO HD3  H N N 263 
PRO HXT  H N N 264 
SER N    N N N 265 
SER CA   C N S 266 
SER C    C N N 267 
SER O    O N N 268 
SER CB   C N N 269 
SER OG   O N N 270 
SER OXT  O N N 271 
SER H    H N N 272 
SER H2   H N N 273 
SER HA   H N N 274 
SER HB2  H N N 275 
SER HB3  H N N 276 
SER HG   H N N 277 
SER HXT  H N N 278 
SO4 S    S N N 279 
SO4 O1   O N N 280 
SO4 O2   O N N 281 
SO4 O3   O N N 282 
SO4 O4   O N N 283 
THR N    N N N 284 
THR CA   C N S 285 
THR C    C N N 286 
THR O    O N N 287 
THR CB   C N R 288 
THR OG1  O N N 289 
THR CG2  C N N 290 
THR OXT  O N N 291 
THR H    H N N 292 
THR H2   H N N 293 
THR HA   H N N 294 
THR HB   H N N 295 
THR HG1  H N N 296 
THR HG21 H N N 297 
THR HG22 H N N 298 
THR HG23 H N N 299 
THR HXT  H N N 300 
TRP N    N N N 301 
TRP CA   C N S 302 
TRP C    C N N 303 
TRP O    O N N 304 
TRP CB   C N N 305 
TRP CG   C Y N 306 
TRP CD1  C Y N 307 
TRP CD2  C Y N 308 
TRP NE1  N Y N 309 
TRP CE2  C Y N 310 
TRP CE3  C Y N 311 
TRP CZ2  C Y N 312 
TRP CZ3  C Y N 313 
TRP CH2  C Y N 314 
TRP OXT  O N N 315 
TRP H    H N N 316 
TRP H2   H N N 317 
TRP HA   H N N 318 
TRP HB2  H N N 319 
TRP HB3  H N N 320 
TRP HD1  H N N 321 
TRP HE1  H N N 322 
TRP HE3  H N N 323 
TRP HZ2  H N N 324 
TRP HZ3  H N N 325 
TRP HH2  H N N 326 
TRP HXT  H N N 327 
TYR N    N N N 328 
TYR CA   C N S 329 
TYR C    C N N 330 
TYR O    O N N 331 
TYR CB   C N N 332 
TYR CG   C Y N 333 
TYR CD1  C Y N 334 
TYR CD2  C Y N 335 
TYR CE1  C Y N 336 
TYR CE2  C Y N 337 
TYR CZ   C Y N 338 
TYR OH   O N N 339 
TYR OXT  O N N 340 
TYR H    H N N 341 
TYR H2   H N N 342 
TYR HA   H N N 343 
TYR HB2  H N N 344 
TYR HB3  H N N 345 
TYR HD1  H N N 346 
TYR HD2  H N N 347 
TYR HE1  H N N 348 
TYR HE2  H N N 349 
TYR HH   H N N 350 
TYR HXT  H N N 351 
VAL N    N N N 352 
VAL CA   C N S 353 
VAL C    C N N 354 
VAL O    O N N 355 
VAL CB   C N N 356 
VAL CG1  C N N 357 
VAL CG2  C N N 358 
VAL OXT  O N N 359 
VAL H    H N N 360 
VAL H2   H N N 361 
VAL HA   H N N 362 
VAL HB   H N N 363 
VAL HG11 H N N 364 
VAL HG12 H N N 365 
VAL HG13 H N N 366 
VAL HG21 H N N 367 
VAL HG22 H N N 368 
VAL HG23 H N N 369 
VAL HXT  H N N 370 
# 
loop_
_chem_comp_bond.comp_id 
_chem_comp_bond.atom_id_1 
_chem_comp_bond.atom_id_2 
_chem_comp_bond.value_order 
_chem_comp_bond.pdbx_aromatic_flag 
_chem_comp_bond.pdbx_stereo_config 
_chem_comp_bond.pdbx_ordinal 
ALA N   CA   sing N N 1   
ALA N   H    sing N N 2   
ALA N   H2   sing N N 3   
ALA CA  C    sing N N 4   
ALA CA  CB   sing N N 5   
ALA CA  HA   sing N N 6   
ALA C   O    doub N N 7   
ALA C   OXT  sing N N 8   
ALA CB  HB1  sing N N 9   
ALA CB  HB2  sing N N 10  
ALA CB  HB3  sing N N 11  
ALA OXT HXT  sing N N 12  
ARG N   CA   sing N N 13  
ARG N   H    sing N N 14  
ARG N   H2   sing N N 15  
ARG CA  C    sing N N 16  
ARG CA  CB   sing N N 17  
ARG CA  HA   sing N N 18  
ARG C   O    doub N N 19  
ARG C   OXT  sing N N 20  
ARG CB  CG   sing N N 21  
ARG CB  HB2  sing N N 22  
ARG CB  HB3  sing N N 23  
ARG CG  CD   sing N N 24  
ARG CG  HG2  sing N N 25  
ARG CG  HG3  sing N N 26  
ARG CD  NE   sing N N 27  
ARG CD  HD2  sing N N 28  
ARG CD  HD3  sing N N 29  
ARG NE  CZ   sing N N 30  
ARG NE  HE   sing N N 31  
ARG CZ  NH1  sing N N 32  
ARG CZ  NH2  doub N N 33  
ARG NH1 HH11 sing N N 34  
ARG NH1 HH12 sing N N 35  
ARG NH2 HH21 sing N N 36  
ARG NH2 HH22 sing N N 37  
ARG OXT HXT  sing N N 38  
ASN N   CA   sing N N 39  
ASN N   H    sing N N 40  
ASN N   H2   sing N N 41  
ASN CA  C    sing N N 42  
ASN CA  CB   sing N N 43  
ASN CA  HA   sing N N 44  
ASN C   O    doub N N 45  
ASN C   OXT  sing N N 46  
ASN CB  CG   sing N N 47  
ASN CB  HB2  sing N N 48  
ASN CB  HB3  sing N N 49  
ASN CG  OD1  doub N N 50  
ASN CG  ND2  sing N N 51  
ASN ND2 HD21 sing N N 52  
ASN ND2 HD22 sing N N 53  
ASN OXT HXT  sing N N 54  
ASP N   CA   sing N N 55  
ASP N   H    sing N N 56  
ASP N   H2   sing N N 57  
ASP CA  C    sing N N 58  
ASP CA  CB   sing N N 59  
ASP CA  HA   sing N N 60  
ASP C   O    doub N N 61  
ASP C   OXT  sing N N 62  
ASP CB  CG   sing N N 63  
ASP CB  HB2  sing N N 64  
ASP CB  HB3  sing N N 65  
ASP CG  OD1  doub N N 66  
ASP CG  OD2  sing N N 67  
ASP OD2 HD2  sing N N 68  
ASP OXT HXT  sing N N 69  
CYS N   CA   sing N N 70  
CYS N   H    sing N N 71  
CYS N   H2   sing N N 72  
CYS CA  C    sing N N 73  
CYS CA  CB   sing N N 74  
CYS CA  HA   sing N N 75  
CYS C   O    doub N N 76  
CYS C   OXT  sing N N 77  
CYS CB  SG   sing N N 78  
CYS CB  HB2  sing N N 79  
CYS CB  HB3  sing N N 80  
CYS SG  HG   sing N N 81  
CYS OXT HXT  sing N N 82  
GLN N   CA   sing N N 83  
GLN N   H    sing N N 84  
GLN N   H2   sing N N 85  
GLN CA  C    sing N N 86  
GLN CA  CB   sing N N 87  
GLN CA  HA   sing N N 88  
GLN C   O    doub N N 89  
GLN C   OXT  sing N N 90  
GLN CB  CG   sing N N 91  
GLN CB  HB2  sing N N 92  
GLN CB  HB3  sing N N 93  
GLN CG  CD   sing N N 94  
GLN CG  HG2  sing N N 95  
GLN CG  HG3  sing N N 96  
GLN CD  OE1  doub N N 97  
GLN CD  NE2  sing N N 98  
GLN NE2 HE21 sing N N 99  
GLN NE2 HE22 sing N N 100 
GLN OXT HXT  sing N N 101 
GLU N   CA   sing N N 102 
GLU N   H    sing N N 103 
GLU N   H2   sing N N 104 
GLU CA  C    sing N N 105 
GLU CA  CB   sing N N 106 
GLU CA  HA   sing N N 107 
GLU C   O    doub N N 108 
GLU C   OXT  sing N N 109 
GLU CB  CG   sing N N 110 
GLU CB  HB2  sing N N 111 
GLU CB  HB3  sing N N 112 
GLU CG  CD   sing N N 113 
GLU CG  HG2  sing N N 114 
GLU CG  HG3  sing N N 115 
GLU CD  OE1  doub N N 116 
GLU CD  OE2  sing N N 117 
GLU OE2 HE2  sing N N 118 
GLU OXT HXT  sing N N 119 
GLY N   CA   sing N N 120 
GLY N   H    sing N N 121 
GLY N   H2   sing N N 122 
GLY CA  C    sing N N 123 
GLY CA  HA2  sing N N 124 
GLY CA  HA3  sing N N 125 
GLY C   O    doub N N 126 
GLY C   OXT  sing N N 127 
GLY OXT HXT  sing N N 128 
HIS N   CA   sing N N 129 
HIS N   H    sing N N 130 
HIS N   H2   sing N N 131 
HIS CA  C    sing N N 132 
HIS CA  CB   sing N N 133 
HIS CA  HA   sing N N 134 
HIS C   O    doub N N 135 
HIS C   OXT  sing N N 136 
HIS CB  CG   sing N N 137 
HIS CB  HB2  sing N N 138 
HIS CB  HB3  sing N N 139 
HIS CG  ND1  sing Y N 140 
HIS CG  CD2  doub Y N 141 
HIS ND1 CE1  doub Y N 142 
HIS ND1 HD1  sing N N 143 
HIS CD2 NE2  sing Y N 144 
HIS CD2 HD2  sing N N 145 
HIS CE1 NE2  sing Y N 146 
HIS CE1 HE1  sing N N 147 
HIS NE2 HE2  sing N N 148 
HIS OXT HXT  sing N N 149 
HOH O   H1   sing N N 150 
HOH O   H2   sing N N 151 
ILE N   CA   sing N N 152 
ILE N   H    sing N N 153 
ILE N   H2   sing N N 154 
ILE CA  C    sing N N 155 
ILE CA  CB   sing N N 156 
ILE CA  HA   sing N N 157 
ILE C   O    doub N N 158 
ILE C   OXT  sing N N 159 
ILE CB  CG1  sing N N 160 
ILE CB  CG2  sing N N 161 
ILE CB  HB   sing N N 162 
ILE CG1 CD1  sing N N 163 
ILE CG1 HG12 sing N N 164 
ILE CG1 HG13 sing N N 165 
ILE CG2 HG21 sing N N 166 
ILE CG2 HG22 sing N N 167 
ILE CG2 HG23 sing N N 168 
ILE CD1 HD11 sing N N 169 
ILE CD1 HD12 sing N N 170 
ILE CD1 HD13 sing N N 171 
ILE OXT HXT  sing N N 172 
LEU N   CA   sing N N 173 
LEU N   H    sing N N 174 
LEU N   H2   sing N N 175 
LEU CA  C    sing N N 176 
LEU CA  CB   sing N N 177 
LEU CA  HA   sing N N 178 
LEU C   O    doub N N 179 
LEU C   OXT  sing N N 180 
LEU CB  CG   sing N N 181 
LEU CB  HB2  sing N N 182 
LEU CB  HB3  sing N N 183 
LEU CG  CD1  sing N N 184 
LEU CG  CD2  sing N N 185 
LEU CG  HG   sing N N 186 
LEU CD1 HD11 sing N N 187 
LEU CD1 HD12 sing N N 188 
LEU CD1 HD13 sing N N 189 
LEU CD2 HD21 sing N N 190 
LEU CD2 HD22 sing N N 191 
LEU CD2 HD23 sing N N 192 
LEU OXT HXT  sing N N 193 
MET N   CA   sing N N 194 
MET N   H    sing N N 195 
MET N   H2   sing N N 196 
MET CA  C    sing N N 197 
MET CA  CB   sing N N 198 
MET CA  HA   sing N N 199 
MET C   O    doub N N 200 
MET C   OXT  sing N N 201 
MET CB  CG   sing N N 202 
MET CB  HB2  sing N N 203 
MET CB  HB3  sing N N 204 
MET CG  SD   sing N N 205 
MET CG  HG2  sing N N 206 
MET CG  HG3  sing N N 207 
MET SD  CE   sing N N 208 
MET CE  HE1  sing N N 209 
MET CE  HE2  sing N N 210 
MET CE  HE3  sing N N 211 
MET OXT HXT  sing N N 212 
PHE N   CA   sing N N 213 
PHE N   H    sing N N 214 
PHE N   H2   sing N N 215 
PHE CA  C    sing N N 216 
PHE CA  CB   sing N N 217 
PHE CA  HA   sing N N 218 
PHE C   O    doub N N 219 
PHE C   OXT  sing N N 220 
PHE CB  CG   sing N N 221 
PHE CB  HB2  sing N N 222 
PHE CB  HB3  sing N N 223 
PHE CG  CD1  doub Y N 224 
PHE CG  CD2  sing Y N 225 
PHE CD1 CE1  sing Y N 226 
PHE CD1 HD1  sing N N 227 
PHE CD2 CE2  doub Y N 228 
PHE CD2 HD2  sing N N 229 
PHE CE1 CZ   doub Y N 230 
PHE CE1 HE1  sing N N 231 
PHE CE2 CZ   sing Y N 232 
PHE CE2 HE2  sing N N 233 
PHE CZ  HZ   sing N N 234 
PHE OXT HXT  sing N N 235 
PRO N   CA   sing N N 236 
PRO N   CD   sing N N 237 
PRO N   H    sing N N 238 
PRO CA  C    sing N N 239 
PRO CA  CB   sing N N 240 
PRO CA  HA   sing N N 241 
PRO C   O    doub N N 242 
PRO C   OXT  sing N N 243 
PRO CB  CG   sing N N 244 
PRO CB  HB2  sing N N 245 
PRO CB  HB3  sing N N 246 
PRO CG  CD   sing N N 247 
PRO CG  HG2  sing N N 248 
PRO CG  HG3  sing N N 249 
PRO CD  HD2  sing N N 250 
PRO CD  HD3  sing N N 251 
PRO OXT HXT  sing N N 252 
SER N   CA   sing N N 253 
SER N   H    sing N N 254 
SER N   H2   sing N N 255 
SER CA  C    sing N N 256 
SER CA  CB   sing N N 257 
SER CA  HA   sing N N 258 
SER C   O    doub N N 259 
SER C   OXT  sing N N 260 
SER CB  OG   sing N N 261 
SER CB  HB2  sing N N 262 
SER CB  HB3  sing N N 263 
SER OG  HG   sing N N 264 
SER OXT HXT  sing N N 265 
SO4 S   O1   doub N N 266 
SO4 S   O2   doub N N 267 
SO4 S   O3   sing N N 268 
SO4 S   O4   sing N N 269 
THR N   CA   sing N N 270 
THR N   H    sing N N 271 
THR N   H2   sing N N 272 
THR CA  C    sing N N 273 
THR CA  CB   sing N N 274 
THR CA  HA   sing N N 275 
THR C   O    doub N N 276 
THR C   OXT  sing N N 277 
THR CB  OG1  sing N N 278 
THR CB  CG2  sing N N 279 
THR CB  HB   sing N N 280 
THR OG1 HG1  sing N N 281 
THR CG2 HG21 sing N N 282 
THR CG2 HG22 sing N N 283 
THR CG2 HG23 sing N N 284 
THR OXT HXT  sing N N 285 
TRP N   CA   sing N N 286 
TRP N   H    sing N N 287 
TRP N   H2   sing N N 288 
TRP CA  C    sing N N 289 
TRP CA  CB   sing N N 290 
TRP CA  HA   sing N N 291 
TRP C   O    doub N N 292 
TRP C   OXT  sing N N 293 
TRP CB  CG   sing N N 294 
TRP CB  HB2  sing N N 295 
TRP CB  HB3  sing N N 296 
TRP CG  CD1  doub Y N 297 
TRP CG  CD2  sing Y N 298 
TRP CD1 NE1  sing Y N 299 
TRP CD1 HD1  sing N N 300 
TRP CD2 CE2  doub Y N 301 
TRP CD2 CE3  sing Y N 302 
TRP NE1 CE2  sing Y N 303 
TRP NE1 HE1  sing N N 304 
TRP CE2 CZ2  sing Y N 305 
TRP CE3 CZ3  doub Y N 306 
TRP CE3 HE3  sing N N 307 
TRP CZ2 CH2  doub Y N 308 
TRP CZ2 HZ2  sing N N 309 
TRP CZ3 CH2  sing Y N 310 
TRP CZ3 HZ3  sing N N 311 
TRP CH2 HH2  sing N N 312 
TRP OXT HXT  sing N N 313 
TYR N   CA   sing N N 314 
TYR N   H    sing N N 315 
TYR N   H2   sing N N 316 
TYR CA  C    sing N N 317 
TYR CA  CB   sing N N 318 
TYR CA  HA   sing N N 319 
TYR C   O    doub N N 320 
TYR C   OXT  sing N N 321 
TYR CB  CG   sing N N 322 
TYR CB  HB2  sing N N 323 
TYR CB  HB3  sing N N 324 
TYR CG  CD1  doub Y N 325 
TYR CG  CD2  sing Y N 326 
TYR CD1 CE1  sing Y N 327 
TYR CD1 HD1  sing N N 328 
TYR CD2 CE2  doub Y N 329 
TYR CD2 HD2  sing N N 330 
TYR CE1 CZ   doub Y N 331 
TYR CE1 HE1  sing N N 332 
TYR CE2 CZ   sing Y N 333 
TYR CE2 HE2  sing N N 334 
TYR CZ  OH   sing N N 335 
TYR OH  HH   sing N N 336 
TYR OXT HXT  sing N N 337 
VAL N   CA   sing N N 338 
VAL N   H    sing N N 339 
VAL N   H2   sing N N 340 
VAL CA  C    sing N N 341 
VAL CA  CB   sing N N 342 
VAL CA  HA   sing N N 343 
VAL C   O    doub N N 344 
VAL C   OXT  sing N N 345 
VAL CB  CG1  sing N N 346 
VAL CB  CG2  sing N N 347 
VAL CB  HB   sing N N 348 
VAL CG1 HG11 sing N N 349 
VAL CG1 HG12 sing N N 350 
VAL CG1 HG13 sing N N 351 
VAL CG2 HG21 sing N N 352 
VAL CG2 HG22 sing N N 353 
VAL CG2 HG23 sing N N 354 
VAL OXT HXT  sing N N 355 
# 
_pdbx_initial_refinement_model.id               1 
_pdbx_initial_refinement_model.entity_id_list   ? 
_pdbx_initial_refinement_model.type             'experimental model' 
_pdbx_initial_refinement_model.source_name      PDB 
_pdbx_initial_refinement_model.accession_code   1PK4 
_pdbx_initial_refinement_model.details          'PDB ENTRY 1PK4' 
# 
_atom_sites.entry_id                    1I71 
_atom_sites.fract_transf_matrix[1][1]   0.00211162 
_atom_sites.fract_transf_matrix[1][2]   0.02458433 
_atom_sites.fract_transf_matrix[1][3]   -0.01422590 
_atom_sites.fract_transf_matrix[2][1]   -0.00852874 
_atom_sites.fract_transf_matrix[2][2]   -0.01105533 
_atom_sites.fract_transf_matrix[2][3]   -0.02037111 
_atom_sites.fract_transf_matrix[3][1]   -0.01429234 
_atom_sites.fract_transf_matrix[3][2]   0.00356927 
_atom_sites.fract_transf_matrix[3][3]   0.00404672 
_atom_sites.fract_transf_vector[1]      0.654931 
_atom_sites.fract_transf_vector[2]      0.909758 
_atom_sites.fract_transf_vector[3]      0.142211 
# 
loop_
_atom_type.symbol 
C 
N 
O 
S 
# 
loop_
_atom_site.group_PDB 
_atom_site.id 
_atom_site.type_symbol 
_atom_site.label_atom_id 
_atom_site.label_alt_id 
_atom_site.label_comp_id 
_atom_site.label_asym_id 
_atom_site.label_entity_id 
_atom_site.label_seq_id 
_atom_site.pdbx_PDB_ins_code 
_atom_site.Cartn_x 
_atom_site.Cartn_y 
_atom_site.Cartn_z 
_atom_site.occupancy 
_atom_site.B_iso_or_equiv 
_atom_site.pdbx_formal_charge 
_atom_site.auth_seq_id 
_atom_site.auth_comp_id 
_atom_site.auth_asym_id 
_atom_site.auth_atom_id 
_atom_site.pdbx_PDB_model_num 
ATOM   1   N N   . ASP A 1 1  ? -10.315 6.485   -7.273  1.00 31.21 ? 0   ASP A N   1 
ATOM   2   C CA  . ASP A 1 1  ? -9.666  5.183   -7.596  1.00 29.04 ? 0   ASP A CA  1 
ATOM   3   C C   . ASP A 1 1  ? -10.196 4.106   -6.651  1.00 26.43 ? 0   ASP A C   1 
ATOM   4   O O   . ASP A 1 1  ? -10.787 4.422   -5.620  1.00 26.69 ? 0   ASP A O   1 
ATOM   5   C CB  . ASP A 1 1  ? -8.149  5.323   -7.469  1.00 31.23 ? 0   ASP A CB  1 
ATOM   6   C CG  . ASP A 1 1  ? -7.402  4.214   -8.174  1.00 33.32 ? 0   ASP A CG  1 
ATOM   7   O OD1 . ASP A 1 1  ? -7.960  3.628   -9.127  1.00 35.84 ? 0   ASP A OD1 1 
ATOM   8   O OD2 . ASP A 1 1  ? -6.250  3.943   -7.788  1.00 32.70 ? 0   ASP A OD2 1 
ATOM   9   N N   . CYS A 1 2  ? -9.986  2.839   -7.000  1.00 23.11 ? 1   CYS A N   1 
ATOM   10  C CA  . CYS A 1 2  ? -10.489 1.734   -6.183  1.00 20.04 ? 1   CYS A CA  1 
ATOM   11  C C   . CYS A 1 2  ? -9.739  0.427   -6.450  1.00 17.49 ? 1   CYS A C   1 
ATOM   12  O O   . CYS A 1 2  ? -8.956  0.331   -7.393  1.00 18.22 ? 1   CYS A O   1 
ATOM   13  C CB  . CYS A 1 2  ? -11.975 1.528   -6.483  1.00 19.49 ? 1   CYS A CB  1 
ATOM   14  S SG  . CYS A 1 2  ? -12.286 1.197   -8.249  1.00 21.00 ? 1   CYS A SG  1 
ATOM   15  N N   . TYR A 1 3  ? -9.991  -0.584  -5.622  1.00 15.00 ? 2   TYR A N   1 
ATOM   16  C CA  . TYR A 1 3  ? -9.341  -1.883  -5.790  1.00 13.92 ? 2   TYR A CA  1 
ATOM   17  C C   . TYR A 1 3  ? -10.360 -3.018  -5.847  1.00 13.89 ? 2   TYR A C   1 
ATOM   18  O O   . TYR A 1 3  ? -11.527 -2.841  -5.501  1.00 14.75 ? 2   TYR A O   1 
ATOM   19  C CB  . TYR A 1 3  ? -8.357  -2.157  -4.647  1.00 13.66 ? 2   TYR A CB  1 
ATOM   20  C CG  . TYR A 1 3  ? -9.007  -2.236  -3.286  1.00 12.96 ? 2   TYR A CG  1 
ATOM   21  C CD1 . TYR A 1 3  ? -9.260  -1.083  -2.546  1.00 13.83 ? 2   TYR A CD1 1 
ATOM   22  C CD2 . TYR A 1 3  ? -9.398  -3.463  -2.750  1.00 13.41 ? 2   TYR A CD2 1 
ATOM   23  C CE1 . TYR A 1 3  ? -9.891  -1.148  -1.303  1.00 13.83 ? 2   TYR A CE1 1 
ATOM   24  C CE2 . TYR A 1 3  ? -10.031 -3.539  -1.508  1.00 13.71 ? 2   TYR A CE2 1 
ATOM   25  C CZ  . TYR A 1 3  ? -10.275 -2.376  -0.792  1.00 13.39 ? 2   TYR A CZ  1 
ATOM   26  O OH  . TYR A 1 3  ? -10.923 -2.438  0.422   1.00 14.75 ? 2   TYR A OH  1 
ATOM   27  N N   . HIS A 1 4  ? -9.901  -4.188  -6.276  1.00 14.71 ? 3   HIS A N   1 
ATOM   28  C CA  . HIS A 1 4  ? -10.758 -5.363  -6.382  1.00 14.59 ? 3   HIS A CA  1 
ATOM   29  C C   . HIS A 1 4  ? -10.379 -6.414  -5.351  1.00 15.12 ? 3   HIS A C   1 
ATOM   30  O O   . HIS A 1 4  ? -9.195  -6.680  -5.134  1.00 15.55 ? 3   HIS A O   1 
ATOM   31  C CB  . HIS A 1 4  ? -10.647 -5.974  -7.780  1.00 15.57 ? 3   HIS A CB  1 
ATOM   32  C CG  . HIS A 1 4  ? -11.345 -5.184  -8.840  1.00 16.27 ? 3   HIS A CG  1 
ATOM   33  N ND1 . HIS A 1 4  ? -12.671 -5.381  -9.163  1.00 19.65 ? 3   HIS A ND1 1 
ATOM   34  C CD2 . HIS A 1 4  ? -10.913 -4.170  -9.626  1.00 18.62 ? 3   HIS A CD2 1 
ATOM   35  C CE1 . HIS A 1 4  ? -13.024 -4.522  -10.103 1.00 17.20 ? 3   HIS A CE1 1 
ATOM   36  N NE2 . HIS A 1 4  ? -11.975 -3.776  -10.401 1.00 21.51 ? 3   HIS A NE2 1 
ATOM   37  N N   . GLY A 1 5  ? -11.391 -7.008  -4.724  1.00 14.84 ? 4   GLY A N   1 
ATOM   38  C CA  . GLY A 1 5  ? -11.155 -8.044  -3.735  1.00 13.83 ? 4   GLY A CA  1 
ATOM   39  C C   . GLY A 1 5  ? -10.318 -7.565  -2.567  1.00 13.58 ? 4   GLY A C   1 
ATOM   40  O O   . GLY A 1 5  ? -10.645 -6.559  -1.940  1.00 14.67 ? 4   GLY A O   1 
ATOM   41  N N   . ASP A 1 6  ? -9.240  -8.283  -2.266  1.00 13.83 ? 5   ASP A N   1 
ATOM   42  C CA  . ASP A 1 6  ? -8.376  -7.888  -1.161  1.00 13.48 ? 5   ASP A CA  1 
ATOM   43  C C   . ASP A 1 6  ? -7.279  -6.934  -1.622  1.00 14.39 ? 5   ASP A C   1 
ATOM   44  O O   . ASP A 1 6  ? -6.381  -6.589  -0.857  1.00 14.77 ? 5   ASP A O   1 
ATOM   45  C CB  . ASP A 1 6  ? -7.776  -9.120  -0.468  1.00 14.22 ? 5   ASP A CB  1 
ATOM   46  C CG  . ASP A 1 6  ? -6.789  -9.873  -1.337  1.00 15.36 ? 5   ASP A CG  1 
ATOM   47  O OD1 . ASP A 1 6  ? -6.649  -9.548  -2.536  1.00 15.31 ? 5   ASP A OD1 1 
ATOM   48  O OD2 . ASP A 1 6  ? -6.149  -10.808 -0.810  1.00 16.55 ? 5   ASP A OD2 1 
ATOM   49  N N   . GLY A 1 7  ? -7.360  -6.510  -2.879  1.00 13.38 ? 6   GLY A N   1 
ATOM   50  C CA  . GLY A 1 7  ? -6.390  -5.564  -3.407  1.00 13.42 ? 6   GLY A CA  1 
ATOM   51  C C   . GLY A 1 7  ? -5.029  -6.081  -3.830  1.00 13.32 ? 6   GLY A C   1 
ATOM   52  O O   . GLY A 1 7  ? -4.145  -5.284  -4.146  1.00 13.28 ? 6   GLY A O   1 
ATOM   53  N N   . GLN A 1 8  ? -4.833  -7.394  -3.842  1.00 13.89 ? 7   GLN A N   1 
ATOM   54  C CA  . GLN A 1 8  ? -3.539  -7.919  -4.259  1.00 14.42 ? 7   GLN A CA  1 
ATOM   55  C C   . GLN A 1 8  ? -3.201  -7.493  -5.687  1.00 14.86 ? 7   GLN A C   1 
ATOM   56  O O   . GLN A 1 8  ? -2.031  -7.328  -6.025  1.00 16.28 ? 7   GLN A O   1 
ATOM   57  C CB  . GLN A 1 8  ? -3.513  -9.445  -4.167  1.00 14.55 ? 7   GLN A CB  1 
ATOM   58  C CG  . GLN A 1 8  ? -3.425  -9.977  -2.750  1.00 16.32 ? 7   GLN A CG  1 
ATOM   59  C CD  . GLN A 1 8  ? -3.255  -11.485 -2.709  1.00 18.95 ? 7   GLN A CD  1 
ATOM   60  O OE1 . GLN A 1 8  ? -2.289  -12.027 -3.249  1.00 19.86 ? 7   GLN A OE1 1 
ATOM   61  N NE2 . GLN A 1 8  ? -4.194  -12.170 -2.066  1.00 19.95 ? 7   GLN A NE2 1 
ATOM   62  N N   . SER A 1 9  ? -4.223  -7.301  -6.517  1.00 16.23 ? 8   SER A N   1 
ATOM   63  C CA  . SER A 1 9  ? -4.007  -6.909  -7.911  1.00 16.65 ? 8   SER A CA  1 
ATOM   64  C C   . SER A 1 9  ? -3.936  -5.402  -8.144  1.00 16.13 ? 8   SER A C   1 
ATOM   65  O O   . SER A 1 9  ? -3.641  -4.954  -9.255  1.00 16.72 ? 8   SER A O   1 
ATOM   66  C CB  . SER A 1 9  ? -5.114  -7.492  -8.795  1.00 17.50 ? 8   SER A CB  1 
ATOM   67  O OG  . SER A 1 9  ? -6.367  -6.904  -8.490  1.00 20.38 ? 8   SER A OG  1 
ATOM   68  N N   . TYR A 1 10 ? -4.198  -4.616  -7.104  1.00 15.17 ? 9   TYR A N   1 
ATOM   69  C CA  . TYR A 1 10 ? -4.181  -3.165  -7.237  1.00 14.74 ? 9   TYR A CA  1 
ATOM   70  C C   . TYR A 1 10 ? -2.820  -2.625  -7.659  1.00 14.47 ? 9   TYR A C   1 
ATOM   71  O O   . TYR A 1 10 ? -1.803  -2.926  -7.035  1.00 14.15 ? 9   TYR A O   1 
ATOM   72  C CB  . TYR A 1 10 ? -4.597  -2.510  -5.923  1.00 14.49 ? 9   TYR A CB  1 
ATOM   73  C CG  . TYR A 1 10 ? -4.620  -1.001  -5.986  1.00 14.06 ? 9   TYR A CG  1 
ATOM   74  C CD1 . TYR A 1 10 ? -5.608  -0.327  -6.707  1.00 15.50 ? 9   TYR A CD1 1 
ATOM   75  C CD2 . TYR A 1 10 ? -3.640  -0.247  -5.344  1.00 14.51 ? 9   TYR A CD2 1 
ATOM   76  C CE1 . TYR A 1 10 ? -5.619  1.063   -6.783  1.00 14.67 ? 9   TYR A CE1 1 
ATOM   77  C CE2 . TYR A 1 10 ? -3.641  1.142   -5.413  1.00 14.19 ? 9   TYR A CE2 1 
ATOM   78  C CZ  . TYR A 1 10 ? -4.631  1.790   -6.134  1.00 15.32 ? 9   TYR A CZ  1 
ATOM   79  O OH  . TYR A 1 10 ? -4.628  3.163   -6.204  1.00 16.51 ? 9   TYR A OH  1 
ATOM   80  N N   . ARG A 1 11 ? -2.808  -1.822  -8.720  1.00 14.78 ? 10  ARG A N   1 
ATOM   81  C CA  . ARG A 1 11 ? -1.566  -1.231  -9.213  1.00 15.25 ? 10  ARG A CA  1 
ATOM   82  C C   . ARG A 1 11 ? -1.745  0.262   -9.487  1.00 16.39 ? 10  ARG A C   1 
ATOM   83  O O   . ARG A 1 11 ? -1.054  0.840   -10.330 1.00 17.05 ? 10  ARG A O   1 
ATOM   84  C CB  . ARG A 1 11 ? -1.103  -1.955  -10.483 1.00 16.08 ? 10  ARG A CB  1 
ATOM   85  C CG  . ARG A 1 11 ? -0.666  -3.401  -10.258 1.00 15.20 ? 10  ARG A CG  1 
ATOM   86  C CD  . ARG A 1 11 ? 0.600   -3.484  -9.408  1.00 16.15 ? 10  ARG A CD  1 
ATOM   87  N NE  . ARG A 1 11 ? 1.083   -4.855  -9.256  1.00 15.47 ? 10  ARG A NE  1 
ATOM   88  C CZ  . ARG A 1 11 ? 0.538   -5.766  -8.455  1.00 15.77 ? 10  ARG A CZ  1 
ATOM   89  N NH1 . ARG A 1 11 ? -0.521  -5.459  -7.712  1.00 15.65 ? 10  ARG A NH1 1 
ATOM   90  N NH2 . ARG A 1 11 ? 1.043   -6.993  -8.401  1.00 16.96 ? 10  ARG A NH2 1 
ATOM   91  N N   . GLY A 1 12 ? -2.680  0.877   -8.766  1.00 16.32 ? 11  GLY A N   1 
ATOM   92  C CA  . GLY A 1 12 ? -2.945  2.297   -8.922  1.00 16.52 ? 11  GLY A CA  1 
ATOM   93  C C   . GLY A 1 12 ? -1.899  3.173   -8.254  1.00 16.40 ? 11  GLY A C   1 
ATOM   94  O O   . GLY A 1 12 ? -0.912  2.673   -7.712  1.00 15.51 ? 11  GLY A O   1 
ATOM   95  N N   . SER A 1 13 ? -2.121  4.484   -8.278  1.00 16.14 ? 12  SER A N   1 
ATOM   96  C CA  . SER A 1 13 ? -1.168  5.427   -7.700  1.00 16.74 ? 12  SER A CA  1 
ATOM   97  C C   . SER A 1 13 ? -1.589  6.083   -6.389  1.00 15.73 ? 12  SER A C   1 
ATOM   98  O O   . SER A 1 13 ? -0.979  7.066   -5.968  1.00 17.06 ? 12  SER A O   1 
ATOM   99  C CB  . SER A 1 13 ? -0.847  6.519   -8.722  1.00 19.01 ? 12  SER A CB  1 
ATOM   100 O OG  . SER A 1 13 ? -2.018  7.226   -9.090  1.00 23.22 ? 12  SER A OG  1 
ATOM   101 N N   . PHE A 1 14 ? -2.616  5.554   -5.732  1.00 14.69 ? 13  PHE A N   1 
ATOM   102 C CA  . PHE A 1 14 ? -3.057  6.149   -4.475  1.00 14.88 ? 13  PHE A CA  1 
ATOM   103 C C   . PHE A 1 14 ? -1.964  5.935   -3.429  1.00 13.93 ? 13  PHE A C   1 
ATOM   104 O O   . PHE A 1 14 ? -1.307  4.894   -3.421  1.00 15.08 ? 13  PHE A O   1 
ATOM   105 C CB  . PHE A 1 14 ? -4.368  5.518   -4.006  1.00 16.18 ? 13  PHE A CB  1 
ATOM   106 C CG  . PHE A 1 14 ? -5.153  6.393   -3.073  1.00 17.57 ? 13  PHE A CG  1 
ATOM   107 C CD1 . PHE A 1 14 ? -5.808  7.524   -3.548  1.00 18.66 ? 13  PHE A CD1 1 
ATOM   108 C CD2 . PHE A 1 14 ? -5.222  6.101   -1.717  1.00 17.95 ? 13  PHE A CD2 1 
ATOM   109 C CE1 . PHE A 1 14 ? -6.523  8.352   -2.684  1.00 18.91 ? 13  PHE A CE1 1 
ATOM   110 C CE2 . PHE A 1 14 ? -5.935  6.923   -0.845  1.00 18.36 ? 13  PHE A CE2 1 
ATOM   111 C CZ  . PHE A 1 14 ? -6.586  8.050   -1.329  1.00 19.86 ? 13  PHE A CZ  1 
ATOM   112 N N   . SER A 1 15 ? -1.772  6.912   -2.548  1.00 13.13 ? 14  SER A N   1 
ATOM   113 C CA  . SER A 1 15 ? -0.719  6.809   -1.541  1.00 13.51 ? 14  SER A CA  1 
ATOM   114 C C   . SER A 1 15 ? -1.038  7.506   -0.223  1.00 13.41 ? 14  SER A C   1 
ATOM   115 O O   . SER A 1 15 ? -0.151  8.063   0.428   1.00 13.54 ? 14  SER A O   1 
ATOM   116 C CB  . SER A 1 15 ? 0.582   7.376   -2.117  1.00 15.19 ? 14  SER A CB  1 
ATOM   117 O OG  . SER A 1 15 ? 0.388   8.710   -2.562  1.00 17.08 ? 14  SER A OG  1 
ATOM   118 N N   . THR A 1 16 ? -2.304  7.462   0.177   1.00 13.24 ? 15  THR A N   1 
ATOM   119 C CA  . THR A 1 16 ? -2.744  8.093   1.417   1.00 13.82 ? 15  THR A CA  1 
ATOM   120 C C   . THR A 1 16 ? -3.467  7.072   2.293   1.00 12.93 ? 15  THR A C   1 
ATOM   121 O O   . THR A 1 16 ? -4.238  6.252   1.793   1.00 14.21 ? 15  THR A O   1 
ATOM   122 C CB  . THR A 1 16 ? -3.694  9.269   1.119   1.00 17.19 ? 15  THR A CB  1 
ATOM   123 O OG1 . THR A 1 16 ? -3.038  10.200  0.249   1.00 19.26 ? 15  THR A OG1 1 
ATOM   124 C CG2 . THR A 1 16 ? -4.084  9.978   2.403   1.00 17.99 ? 15  THR A CG2 1 
ATOM   125 N N   . THR A 1 17 ? -3.222  7.126   3.599   1.00 12.40 ? 16  THR A N   1 
ATOM   126 C CA  . THR A 1 17 ? -3.848  6.179   4.518   1.00 12.69 ? 16  THR A CA  1 
ATOM   127 C C   . THR A 1 17 ? -5.240  6.607   4.959   1.00 12.49 ? 16  THR A C   1 
ATOM   128 O O   . THR A 1 17 ? -5.676  7.726   4.688   1.00 13.27 ? 16  THR A O   1 
ATOM   129 C CB  . THR A 1 17 ? -3.004  5.975   5.787   1.00 11.96 ? 16  THR A CB  1 
ATOM   130 O OG1 . THR A 1 17 ? -3.117  7.130   6.629   1.00 12.44 ? 16  THR A OG1 1 
ATOM   131 C CG2 . THR A 1 17 ? -1.541  5.750   5.424   1.00 12.55 ? 16  THR A CG2 1 
ATOM   132 N N   . VAL A 1 18 ? -5.925  5.708   5.661   1.00 12.77 ? 17  VAL A N   1 
ATOM   133 C CA  . VAL A 1 18 ? -7.271  5.987   6.149   1.00 13.42 ? 17  VAL A CA  1 
ATOM   134 C C   . VAL A 1 18 ? -7.330  7.158   7.129   1.00 14.79 ? 17  VAL A C   1 
ATOM   135 O O   . VAL A 1 18 ? -8.411  7.687   7.394   1.00 17.36 ? 17  VAL A O   1 
ATOM   136 C CB  . VAL A 1 18 ? -7.903  4.741   6.815   1.00 14.50 ? 17  VAL A CB  1 
ATOM   137 C CG1 . VAL A 1 18 ? -8.173  3.672   5.763   1.00 14.95 ? 17  VAL A CG1 1 
ATOM   138 C CG2 . VAL A 1 18 ? -6.993  4.207   7.906   1.00 14.51 ? 17  VAL A CG2 1 
ATOM   139 N N   . THR A 1 19 ? -6.182  7.562   7.673   1.00 14.03 ? 18  THR A N   1 
ATOM   140 C CA  . THR A 1 19 ? -6.144  8.694   8.600   1.00 13.81 ? 18  THR A CA  1 
ATOM   141 C C   . THR A 1 19 ? -5.511  9.920   7.952   1.00 14.04 ? 18  THR A C   1 
ATOM   142 O O   . THR A 1 19 ? -5.208  10.906  8.626   1.00 16.24 ? 18  THR A O   1 
ATOM   143 C CB  . THR A 1 19 ? -5.369  8.369   9.893   1.00 14.31 ? 18  THR A CB  1 
ATOM   144 O OG1 . THR A 1 19 ? -4.042  7.941   9.570   1.00 13.52 ? 18  THR A OG1 1 
ATOM   145 C CG2 . THR A 1 19 ? -6.088  7.285   10.683  1.00 15.23 ? 18  THR A CG2 1 
ATOM   146 N N   . GLY A 1 20 ? -5.303  9.849   6.643   1.00 13.52 ? 19  GLY A N   1 
ATOM   147 C CA  . GLY A 1 20 ? -4.738  10.978  5.923   1.00 13.98 ? 19  GLY A CA  1 
ATOM   148 C C   . GLY A 1 20 ? -3.227  11.085  5.915   1.00 14.90 ? 19  GLY A C   1 
ATOM   149 O O   . GLY A 1 20 ? -2.680  12.076  5.436   1.00 16.05 ? 19  GLY A O   1 
ATOM   150 N N   . ARG A 1 21 ? -2.547  10.077  6.443   1.00 13.59 ? 20  ARG A N   1 
ATOM   151 C CA  . ARG A 1 21 ? -1.091  10.094  6.466   1.00 13.26 ? 20  ARG A CA  1 
ATOM   152 C C   . ARG A 1 21 ? -0.548  9.706   5.096   1.00 13.34 ? 20  ARG A C   1 
ATOM   153 O O   . ARG A 1 21 ? -1.219  9.031   4.317   1.00 13.66 ? 20  ARG A O   1 
ATOM   154 C CB  . ARG A 1 21 ? -0.575  9.134   7.539   1.00 13.78 ? 20  ARG A CB  1 
ATOM   155 C CG  . ARG A 1 21 ? -0.882  9.591   8.962   1.00 14.29 ? 20  ARG A CG  1 
ATOM   156 C CD  . ARG A 1 21 ? -0.411  8.568   9.988   1.00 13.79 ? 20  ARG A CD  1 
ATOM   157 N NE  . ARG A 1 21 ? -0.347  9.124   11.339  1.00 13.87 ? 20  ARG A NE  1 
ATOM   158 C CZ  . ARG A 1 21 ? -1.382  9.266   12.163  1.00 14.25 ? 20  ARG A CZ  1 
ATOM   159 N NH1 . ARG A 1 21 ? -2.600  8.891   11.796  1.00 15.04 ? 20  ARG A NH1 1 
ATOM   160 N NH2 . ARG A 1 21 ? -1.189  9.781   13.371  1.00 16.03 ? 20  ARG A NH2 1 
ATOM   161 N N   . THR A 1 22 ? 0.670   10.143  4.797   1.00 12.94 ? 21  THR A N   1 
ATOM   162 C CA  . THR A 1 22 ? 1.287   9.831   3.518   1.00 13.00 ? 21  THR A CA  1 
ATOM   163 C C   . THR A 1 22 ? 2.079   8.536   3.594   1.00 11.69 ? 21  THR A C   1 
ATOM   164 O O   . THR A 1 22 ? 2.760   8.266   4.581   1.00 12.83 ? 21  THR A O   1 
ATOM   165 C CB  . THR A 1 22 ? 2.227   10.966  3.071   1.00 14.54 ? 21  THR A CB  1 
ATOM   166 O OG1 . THR A 1 22 ? 1.476   12.180  2.959   1.00 18.72 ? 21  THR A OG1 1 
ATOM   167 C CG2 . THR A 1 22 ? 2.853   10.644  1.725   1.00 15.91 ? 21  THR A CG2 1 
ATOM   168 N N   . CYS A 1 23 ? 1.984   7.735   2.543   1.00 12.16 ? 22  CYS A N   1 
ATOM   169 C CA  . CYS A 1 23 ? 2.701   6.471   2.491   1.00 12.08 ? 22  CYS A CA  1 
ATOM   170 C C   . CYS A 1 23 ? 4.201   6.636   2.330   1.00 12.41 ? 22  CYS A C   1 
ATOM   171 O O   . CYS A 1 23 ? 4.674   7.551   1.660   1.00 12.71 ? 22  CYS A O   1 
ATOM   172 C CB  . CYS A 1 23 ? 2.204   5.635   1.328   1.00 12.11 ? 22  CYS A CB  1 
ATOM   173 S SG  . CYS A 1 23 ? 0.524   4.976   1.498   1.00 12.25 ? 22  CYS A SG  1 
ATOM   174 N N   . GLN A 1 24 ? 4.936   5.717   2.943   1.00 11.79 ? 23  GLN A N   1 
ATOM   175 C CA  . GLN A 1 24 ? 6.391   5.695   2.864   1.00 11.01 ? 23  GLN A CA  1 
ATOM   176 C C   . GLN A 1 24 ? 6.823   4.940   1.609   1.00 11.87 ? 23  GLN A C   1 
ATOM   177 O O   . GLN A 1 24 ? 6.187   3.967   1.204   1.00 12.92 ? 23  GLN A O   1 
ATOM   178 C CB  . GLN A 1 24 ? 6.959   4.982   4.092   1.00 11.46 ? 23  GLN A CB  1 
ATOM   179 C CG  . GLN A 1 24 ? 8.480   4.850   4.105   1.00 12.11 ? 23  GLN A CG  1 
ATOM   180 C CD  . GLN A 1 24 ? 8.977   3.996   5.260   1.00 11.70 ? 23  GLN A CD  1 
ATOM   181 O OE1 . GLN A 1 24 ? 8.593   4.203   6.411   1.00 12.71 ? 23  GLN A OE1 1 
ATOM   182 N NE2 . GLN A 1 24 ? 9.847   3.036   4.956   1.00 12.48 ? 23  GLN A NE2 1 
ATOM   183 N N   . SER A 1 25 ? 7.910   5.393   0.993   1.00 12.30 ? 24  SER A N   1 
ATOM   184 C CA  . SER A 1 25 ? 8.441   4.736   -0.194  1.00 12.35 ? 24  SER A CA  1 
ATOM   185 C C   . SER A 1 25 ? 8.829   3.298   0.148   1.00 12.39 ? 24  SER A C   1 
ATOM   186 O O   . SER A 1 25 ? 9.454   3.055   1.180   1.00 12.69 ? 24  SER A O   1 
ATOM   187 C CB  . SER A 1 25 ? 9.677   5.487   -0.689  1.00 15.92 ? 24  SER A CB  1 
ATOM   188 O OG  . SER A 1 25 ? 10.399  4.708   -1.626  1.00 19.21 ? 24  SER A OG  1 
ATOM   189 N N   . TRP A 1 26 ? 8.462   2.353   -0.714  1.00 12.59 ? 25  TRP A N   1 
ATOM   190 C CA  . TRP A 1 26 ? 8.789   0.944   -0.478  1.00 13.02 ? 25  TRP A CA  1 
ATOM   191 C C   . TRP A 1 26 ? 10.292  0.682   -0.521  1.00 14.88 ? 25  TRP A C   1 
ATOM   192 O O   . TRP A 1 26 ? 10.765  -0.311  0.026   1.00 17.38 ? 25  TRP A O   1 
ATOM   193 C CB  . TRP A 1 26 ? 8.107   0.042   -1.512  1.00 12.92 ? 25  TRP A CB  1 
ATOM   194 C CG  . TRP A 1 26 ? 6.610   0.094   -1.471  1.00 12.19 ? 25  TRP A CG  1 
ATOM   195 C CD1 . TRP A 1 26 ? 5.793   0.804   -2.302  1.00 10.68 ? 25  TRP A CD1 1 
ATOM   196 C CD2 . TRP A 1 26 ? 5.751   -0.566  -0.528  1.00 12.24 ? 25  TRP A CD2 1 
ATOM   197 N NE1 . TRP A 1 26 ? 4.479   0.629   -1.938  1.00 10.86 ? 25  TRP A NE1 1 
ATOM   198 C CE2 . TRP A 1 26 ? 4.425   -0.207  -0.852  1.00 11.88 ? 25  TRP A CE2 1 
ATOM   199 C CE3 . TRP A 1 26 ? 5.975   -1.427  0.559   1.00 12.34 ? 25  TRP A CE3 1 
ATOM   200 C CZ2 . TRP A 1 26 ? 3.322   -0.676  -0.129  1.00 11.22 ? 25  TRP A CZ2 1 
ATOM   201 C CZ3 . TRP A 1 26 ? 4.875   -1.894  1.280   1.00 12.05 ? 25  TRP A CZ3 1 
ATOM   202 C CH2 . TRP A 1 26 ? 3.565   -1.514  0.930   1.00 12.14 ? 25  TRP A CH2 1 
ATOM   203 N N   . SER A 1 27 ? 11.041  1.563   -1.171  1.00 14.93 ? 26  SER A N   1 
ATOM   204 C CA  . SER A 1 27 ? 12.489  1.382   -1.265  1.00 17.20 ? 26  SER A CA  1 
ATOM   205 C C   . SER A 1 27 ? 13.232  2.032   -0.103  1.00 17.92 ? 26  SER A C   1 
ATOM   206 O O   . SER A 1 27 ? 14.449  1.895   0.019   1.00 20.65 ? 26  SER A O   1 
ATOM   207 C CB  . SER A 1 27 ? 13.008  1.944   -2.591  1.00 19.34 ? 26  SER A CB  1 
ATOM   208 O OG  . SER A 1 27 ? 12.773  3.334   -2.681  1.00 21.91 ? 26  SER A OG  1 
ATOM   209 N N   . SER A 1 28 ? 12.499  2.737   0.751   1.00 16.37 ? 27  SER A N   1 
ATOM   210 C CA  . SER A 1 28 ? 13.088  3.408   1.903   1.00 16.89 ? 27  SER A CA  1 
ATOM   211 C C   . SER A 1 28 ? 12.897  2.602   3.183   1.00 16.89 ? 27  SER A C   1 
ATOM   212 O O   . SER A 1 28 ? 11.920  1.869   3.325   1.00 15.62 ? 27  SER A O   1 
ATOM   213 C CB  . SER A 1 28 ? 12.451  4.788   2.083   1.00 18.51 ? 27  SER A CB  1 
ATOM   214 O OG  . SER A 1 28 ? 12.937  5.428   3.251   1.00 20.40 ? 27  SER A OG  1 
ATOM   215 N N   . MET A 1 29 ? 13.841  2.745   4.110   1.00 15.31 ? 28  MET A N   1 
ATOM   216 C CA  . MET A 1 29 ? 13.774  2.063   5.399   1.00 16.04 ? 28  MET A CA  1 
ATOM   217 C C   . MET A 1 29 ? 13.487  3.099   6.481   1.00 17.31 ? 28  MET A C   1 
ATOM   218 O O   . MET A 1 29 ? 13.592  2.813   7.674   1.00 18.16 ? 28  MET A O   1 
ATOM   219 C CB  . MET A 1 29 ? 15.099  1.365   5.713   1.00 16.44 ? 28  MET A CB  1 
ATOM   220 C CG  . MET A 1 29 ? 15.468  0.237   4.762   1.00 17.16 ? 28  MET A CG  1 
ATOM   221 S SD  . MET A 1 29 ? 14.313  -1.148  4.833   1.00 17.45 ? 28  MET A SD  1 
ATOM   222 C CE  . MET A 1 29 ? 13.553  -1.036  3.218   1.00 18.65 ? 28  MET A CE  1 
ATOM   223 N N   . THR A 1 30 ? 13.121  4.304   6.053   1.00 17.97 ? 29  THR A N   1 
ATOM   224 C CA  . THR A 1 30 ? 12.827  5.394   6.978   1.00 19.59 ? 29  THR A CA  1 
ATOM   225 C C   . THR A 1 30 ? 11.475  6.029   6.661   1.00 17.47 ? 29  THR A C   1 
ATOM   226 O O   . THR A 1 30 ? 11.157  6.281   5.501   1.00 18.94 ? 29  THR A O   1 
ATOM   227 C CB  . THR A 1 30 ? 13.919  6.481   6.899   1.00 21.32 ? 29  THR A CB  1 
ATOM   228 O OG1 . THR A 1 30 ? 15.200  5.887   7.141   1.00 26.62 ? 29  THR A OG1 1 
ATOM   229 C CG2 . THR A 1 30 ? 13.670  7.563   7.935   1.00 24.11 ? 29  THR A CG2 1 
ATOM   230 N N   . PRO A 1 31 ? 10.666  6.312   7.695   1.00 17.08 ? 30  PRO A N   1 
ATOM   231 C CA  . PRO A 1 31 ? 10.952  6.071   9.112   1.00 15.57 ? 30  PRO A CA  1 
ATOM   232 C C   . PRO A 1 31 ? 10.783  4.627   9.574   1.00 16.13 ? 30  PRO A C   1 
ATOM   233 O O   . PRO A 1 31 ? 11.080  4.305   10.723  1.00 19.37 ? 30  PRO A O   1 
ATOM   234 C CB  . PRO A 1 31 ? 9.985   7.018   9.819   1.00 17.33 ? 30  PRO A CB  1 
ATOM   235 C CG  . PRO A 1 31 ? 8.800   7.011   8.913   1.00 17.64 ? 30  PRO A CG  1 
ATOM   236 C CD  . PRO A 1 31 ? 9.424   7.091   7.534   1.00 16.51 ? 30  PRO A CD  1 
ATOM   237 N N   . HIS A 1 32 ? 10.319  3.754   8.686   1.00 13.29 ? 31  HIS A N   1 
ATOM   238 C CA  . HIS A 1 32 ? 10.113  2.362   9.071   1.00 12.38 ? 31  HIS A CA  1 
ATOM   239 C C   . HIS A 1 32 ? 10.927  1.348   8.289   1.00 12.62 ? 31  HIS A C   1 
ATOM   240 O O   . HIS A 1 32 ? 10.892  1.312   7.057   1.00 14.03 ? 31  HIS A O   1 
ATOM   241 C CB  . HIS A 1 32 ? 8.630   2.022   8.971   1.00 12.71 ? 31  HIS A CB  1 
ATOM   242 C CG  . HIS A 1 32 ? 7.771   2.918   9.798   1.00 12.66 ? 31  HIS A CG  1 
ATOM   243 N ND1 . HIS A 1 32 ? 6.968   3.898   9.253   1.00 14.94 ? 31  HIS A ND1 1 
ATOM   244 C CD2 . HIS A 1 32 ? 7.664   3.048   11.141  1.00 12.32 ? 31  HIS A CD2 1 
ATOM   245 C CE1 . HIS A 1 32 ? 6.407   4.593   10.227  1.00 11.44 ? 31  HIS A CE1 1 
ATOM   246 N NE2 . HIS A 1 32 ? 6.813   4.098   11.382  1.00 15.72 ? 31  HIS A NE2 1 
ATOM   247 N N   . TRP A 1 33 ? 11.666  0.523   9.022   1.00 12.65 ? 32  TRP A N   1 
ATOM   248 C CA  . TRP A 1 33 ? 12.478  -0.515  8.413   1.00 13.38 ? 32  TRP A CA  1 
ATOM   249 C C   . TRP A 1 33 ? 11.547  -1.675  8.073   1.00 12.53 ? 32  TRP A C   1 
ATOM   250 O O   . TRP A 1 33 ? 10.673  -2.037  8.864   1.00 12.65 ? 32  TRP A O   1 
ATOM   251 C CB  . TRP A 1 33 ? 13.557  -0.990  9.388   1.00 14.41 ? 32  TRP A CB  1 
ATOM   252 C CG  . TRP A 1 33 ? 14.422  -2.057  8.809   1.00 16.16 ? 32  TRP A CG  1 
ATOM   253 C CD1 . TRP A 1 33 ? 15.580  -1.884  8.107   1.00 17.88 ? 32  TRP A CD1 1 
ATOM   254 C CD2 . TRP A 1 33 ? 14.163  -3.464  8.819   1.00 16.18 ? 32  TRP A CD2 1 
ATOM   255 N NE1 . TRP A 1 33 ? 16.056  -3.100  7.675   1.00 19.20 ? 32  TRP A NE1 1 
ATOM   256 C CE2 . TRP A 1 33 ? 15.205  -4.085  8.098   1.00 17.39 ? 32  TRP A CE2 1 
ATOM   257 C CE3 . TRP A 1 33 ? 13.149  -4.260  9.364   1.00 16.74 ? 32  TRP A CE3 1 
ATOM   258 C CZ2 . TRP A 1 33 ? 15.263  -5.471  7.909   1.00 17.91 ? 32  TRP A CZ2 1 
ATOM   259 C CZ3 . TRP A 1 33 ? 13.205  -5.639  9.175   1.00 17.34 ? 32  TRP A CZ3 1 
ATOM   260 C CH2 . TRP A 1 33 ? 14.258  -6.228  8.453   1.00 18.29 ? 32  TRP A CH2 1 
ATOM   261 N N   . HIS A 1 34 ? 11.736  -2.268  6.903   1.00 12.01 ? 33  HIS A N   1 
ATOM   262 C CA  . HIS A 1 34 ? 10.876  -3.369  6.493   1.00 11.80 ? 33  HIS A CA  1 
ATOM   263 C C   . HIS A 1 34 ? 11.516  -4.159  5.360   1.00 13.22 ? 33  HIS A C   1 
ATOM   264 O O   . HIS A 1 34 ? 12.554  -3.761  4.823   1.00 13.25 ? 33  HIS A O   1 
ATOM   265 C CB  . HIS A 1 34 ? 9.539   -2.814  6.009   1.00 12.06 ? 33  HIS A CB  1 
ATOM   266 C CG  . HIS A 1 34 ? 9.641   -2.085  4.707   1.00 11.69 ? 33  HIS A CG  1 
ATOM   267 N ND1 . HIS A 1 34 ? 10.048  -0.772  4.610   1.00 14.07 ? 33  HIS A ND1 1 
ATOM   268 C CD2 . HIS A 1 34 ? 9.456   -2.518  3.439   1.00 9.41  ? 33  HIS A CD2 1 
ATOM   269 C CE1 . HIS A 1 34 ? 10.109  -0.428  3.335   1.00 10.74 ? 33  HIS A CE1 1 
ATOM   270 N NE2 . HIS A 1 34 ? 9.756   -1.469  2.604   1.00 14.42 ? 33  HIS A NE2 1 
ATOM   271 N N   . GLN A 1 35 ? 10.879  -5.266  4.988   1.00 12.55 ? 34  GLN A N   1 
ATOM   272 C CA  . GLN A 1 35 ? 11.384  -6.102  3.909   1.00 13.21 ? 34  GLN A CA  1 
ATOM   273 C C   . GLN A 1 35 ? 10.394  -6.260  2.756   1.00 13.51 ? 34  GLN A C   1 
ATOM   274 O O   . GLN A 1 35 ? 10.434  -7.246  2.018   1.00 15.29 ? 34  GLN A O   1 
ATOM   275 C CB  . GLN A 1 35 ? 11.815  -7.468  4.452   1.00 13.67 ? 34  GLN A CB  1 
ATOM   276 C CG  . GLN A 1 35 ? 13.001  -7.360  5.405   1.00 16.01 ? 34  GLN A CG  1 
ATOM   277 C CD  . GLN A 1 35 ? 13.523  -8.706  5.858   1.00 14.50 ? 34  GLN A CD  1 
ATOM   278 O OE1 . GLN A 1 35 ? 12.766  -9.548  6.338   1.00 16.10 ? 34  GLN A OE1 1 
ATOM   279 N NE2 . GLN A 1 35 ? 14.831  -8.912  5.716   1.00 14.68 ? 34  GLN A NE2 1 
ATOM   280 N N   . ARG A 1 36 ? 9.491   -5.296  2.610   1.00 12.59 ? 35  ARG A N   1 
ATOM   281 C CA  . ARG A 1 36 ? 8.552   -5.323  1.494   1.00 13.07 ? 35  ARG A CA  1 
ATOM   282 C C   . ARG A 1 36 ? 9.190   -4.472  0.405   1.00 14.86 ? 35  ARG A C   1 
ATOM   283 O O   . ARG A 1 36 ? 8.802   -3.325  0.173   1.00 14.86 ? 35  ARG A O   1 
ATOM   284 C CB  . ARG A 1 36 ? 7.187   -4.740  1.875   1.00 13.46 ? 35  ARG A CB  1 
ATOM   285 C CG  . ARG A 1 36 ? 6.165   -5.778  2.294   1.00 14.74 ? 35  ARG A CG  1 
ATOM   286 C CD  . ARG A 1 36 ? 6.429   -6.304  3.687   1.00 16.04 ? 35  ARG A CD  1 
ATOM   287 N NE  . ARG A 1 36 ? 5.468   -7.337  4.065   1.00 16.44 ? 35  ARG A NE  1 
ATOM   288 C CZ  . ARG A 1 36 ? 5.366   -7.845  5.287   1.00 20.62 ? 35  ARG A CZ  1 
ATOM   289 N NH1 . ARG A 1 36 ? 6.164   -7.411  6.254   1.00 23.31 ? 35  ARG A NH1 1 
ATOM   290 N NH2 . ARG A 1 36 ? 4.484   -8.800  5.541   1.00 18.56 ? 35  ARG A NH2 1 
ATOM   291 N N   . THR A 1 37 ? 10.194  -5.047  -0.244  1.00 14.38 ? 36  THR A N   1 
ATOM   292 C CA  . THR A 1 37 ? 10.915  -4.362  -1.306  1.00 15.74 ? 36  THR A CA  1 
ATOM   293 C C   . THR A 1 37 ? 10.748  -5.133  -2.605  1.00 16.66 ? 36  THR A C   1 
ATOM   294 O O   . THR A 1 37 ? 10.337  -6.291  -2.597  1.00 16.42 ? 36  THR A O   1 
ATOM   295 C CB  . THR A 1 37 ? 12.414  -4.276  -0.985  1.00 16.39 ? 36  THR A CB  1 
ATOM   296 O OG1 . THR A 1 37 ? 12.947  -5.601  -0.878  1.00 19.42 ? 36  THR A OG1 1 
ATOM   297 C CG2 . THR A 1 37 ? 12.644  -3.530  0.327   1.00 18.13 ? 36  THR A CG2 1 
ATOM   298 N N   . THR A 1 38 ? 11.079  -4.490  -3.720  1.00 18.84 ? 37  THR A N   1 
ATOM   299 C CA  . THR A 1 38 ? 10.957  -5.131  -5.025  1.00 21.63 ? 37  THR A CA  1 
ATOM   300 C C   . THR A 1 38 ? 11.802  -6.398  -5.119  1.00 21.66 ? 37  THR A C   1 
ATOM   301 O O   . THR A 1 38 ? 11.456  -7.327  -5.848  1.00 22.59 ? 37  THR A O   1 
ATOM   302 C CB  . THR A 1 38 ? 11.368  -4.171  -6.158  1.00 23.75 ? 37  THR A CB  1 
ATOM   303 O OG1 . THR A 1 38 ? 12.707  -3.713  -5.940  1.00 26.22 ? 37  THR A OG1 1 
ATOM   304 C CG2 . THR A 1 38 ? 10.426  -2.979  -6.208  1.00 24.67 ? 37  THR A CG2 1 
ATOM   305 N N   . GLU A 1 39 ? 12.907  -6.436  -4.383  1.00 21.48 ? 38  GLU A N   1 
ATOM   306 C CA  . GLU A 1 39 ? 13.774  -7.610  -4.394  1.00 23.18 ? 38  GLU A CA  1 
ATOM   307 C C   . GLU A 1 39 ? 13.060  -8.836  -3.832  1.00 22.81 ? 38  GLU A C   1 
ATOM   308 O O   . GLU A 1 39 ? 13.149  -9.931  -4.390  1.00 23.72 ? 38  GLU A O   1 
ATOM   309 C CB  . GLU A 1 39 ? 15.042  -7.346  -3.577  1.00 25.69 ? 38  GLU A CB  1 
ATOM   310 C CG  . GLU A 1 39 ? 15.818  -8.611  -3.222  1.00 28.90 ? 38  GLU A CG  1 
ATOM   311 C CD  . GLU A 1 39 ? 17.116  -8.327  -2.492  1.00 30.81 ? 38  GLU A CD  1 
ATOM   312 O OE1 . GLU A 1 39 ? 17.118  -7.476  -1.579  1.00 32.47 ? 38  GLU A OE1 1 
ATOM   313 O OE2 . GLU A 1 39 ? 18.136  -8.966  -2.826  1.00 34.69 ? 38  GLU A OE2 1 
ATOM   314 N N   . TYR A 1 40 ? 12.345  -8.643  -2.728  1.00 21.40 ? 39  TYR A N   1 
ATOM   315 C CA  . TYR A 1 40 ? 11.639  -9.734  -2.071  1.00 21.66 ? 39  TYR A CA  1 
ATOM   316 C C   . TYR A 1 40 ? 10.238  -9.981  -2.617  1.00 20.34 ? 39  TYR A C   1 
ATOM   317 O O   . TYR A 1 40 ? 9.690   -11.071 -2.460  1.00 22.06 ? 39  TYR A O   1 
ATOM   318 C CB  . TYR A 1 40 ? 11.587  -9.461  -0.567  1.00 22.05 ? 39  TYR A CB  1 
ATOM   319 C CG  . TYR A 1 40 ? 12.962  -9.291  0.044   1.00 23.91 ? 39  TYR A CG  1 
ATOM   320 C CD1 . TYR A 1 40 ? 13.212  -8.288  0.979   1.00 25.52 ? 39  TYR A CD1 1 
ATOM   321 C CD2 . TYR A 1 40 ? 14.017  -10.131 -0.320  1.00 25.59 ? 39  TYR A CD2 1 
ATOM   322 C CE1 . TYR A 1 40 ? 14.481  -8.121  1.535   1.00 26.73 ? 39  TYR A CE1 1 
ATOM   323 C CE2 . TYR A 1 40 ? 15.288  -9.972  0.232   1.00 25.55 ? 39  TYR A CE2 1 
ATOM   324 C CZ  . TYR A 1 40 ? 15.512  -8.966  1.157   1.00 26.89 ? 39  TYR A CZ  1 
ATOM   325 O OH  . TYR A 1 40 ? 16.767  -8.800  1.698   1.00 29.12 ? 39  TYR A OH  1 
ATOM   326 N N   . TYR A 1 41 ? 9.661   -8.967  -3.256  1.00 19.96 ? 40  TYR A N   1 
ATOM   327 C CA  . TYR A 1 41 ? 8.329   -9.078  -3.845  1.00 20.06 ? 40  TYR A CA  1 
ATOM   328 C C   . TYR A 1 41 ? 8.393   -8.562  -5.279  1.00 21.31 ? 40  TYR A C   1 
ATOM   329 O O   . TYR A 1 41 ? 7.783   -7.549  -5.614  1.00 20.79 ? 40  TYR A O   1 
ATOM   330 C CB  . TYR A 1 41 ? 7.314   -8.246  -3.055  1.00 18.23 ? 40  TYR A CB  1 
ATOM   331 C CG  . TYR A 1 41 ? 7.055   -8.733  -1.648  1.00 17.47 ? 40  TYR A CG  1 
ATOM   332 C CD1 . TYR A 1 41 ? 7.955   -8.471  -0.616  1.00 17.45 ? 40  TYR A CD1 1 
ATOM   333 C CD2 . TYR A 1 41 ? 5.896   -9.445  -1.345  1.00 16.72 ? 40  TYR A CD2 1 
ATOM   334 C CE1 . TYR A 1 41 ? 7.702   -8.902  0.687   1.00 18.35 ? 40  TYR A CE1 1 
ATOM   335 C CE2 . TYR A 1 41 ? 5.635   -9.881  -0.051  1.00 18.08 ? 40  TYR A CE2 1 
ATOM   336 C CZ  . TYR A 1 41 ? 6.539   -9.605  0.961   1.00 18.39 ? 40  TYR A CZ  1 
ATOM   337 O OH  . TYR A 1 41 ? 6.265   -10.021 2.243   1.00 19.65 ? 40  TYR A OH  1 
ATOM   338 N N   . PRO A 1 42 ? 9.131   -9.266  -6.149  1.00 22.42 ? 41  PRO A N   1 
ATOM   339 C CA  . PRO A 1 42 ? 9.281   -8.873  -7.552  1.00 23.64 ? 41  PRO A CA  1 
ATOM   340 C C   . PRO A 1 42 ? 7.984   -8.747  -8.348  1.00 23.88 ? 41  PRO A C   1 
ATOM   341 O O   . PRO A 1 42 ? 7.939   -8.046  -9.358  1.00 24.20 ? 41  PRO A O   1 
ATOM   342 C CB  . PRO A 1 42 ? 10.205  -9.954  -8.112  1.00 23.30 ? 41  PRO A CB  1 
ATOM   343 C CG  . PRO A 1 42 ? 9.838   -11.156 -7.298  1.00 23.79 ? 41  PRO A CG  1 
ATOM   344 C CD  . PRO A 1 42 ? 9.762   -10.575 -5.903  1.00 23.85 ? 41  PRO A CD  1 
ATOM   345 N N   . ASN A 1 43 ? 6.932   -9.416  -7.889  1.00 24.10 ? 42  ASN A N   1 
ATOM   346 C CA  . ASN A 1 43 ? 5.650   -9.370  -8.581  1.00 25.05 ? 42  ASN A CA  1 
ATOM   347 C C   . ASN A 1 43 ? 4.579   -8.620  -7.793  1.00 23.90 ? 42  ASN A C   1 
ATOM   348 O O   . ASN A 1 43 ? 3.385   -8.767  -8.060  1.00 24.37 ? 42  ASN A O   1 
ATOM   349 C CB  . ASN A 1 43 ? 5.172   -10.793 -8.875  1.00 27.65 ? 42  ASN A CB  1 
ATOM   350 C CG  . ASN A 1 43 ? 6.159   -11.573 -9.723  1.00 29.84 ? 42  ASN A CG  1 
ATOM   351 O OD1 . ASN A 1 43 ? 6.450   -11.199 -10.860 1.00 32.57 ? 42  ASN A OD1 1 
ATOM   352 N ND2 . ASN A 1 43 ? 6.684   -12.661 -9.170  1.00 31.56 ? 42  ASN A ND2 1 
ATOM   353 N N   . GLY A 1 44 ? 5.009   -7.808  -6.831  1.00 20.86 ? 43  GLY A N   1 
ATOM   354 C CA  . GLY A 1 44 ? 4.063   -7.061  -6.020  1.00 19.88 ? 43  GLY A CA  1 
ATOM   355 C C   . GLY A 1 44 ? 3.821   -5.633  -6.473  1.00 18.18 ? 43  GLY A C   1 
ATOM   356 O O   . GLY A 1 44 ? 2.977   -4.935  -5.908  1.00 16.97 ? 43  GLY A O   1 
ATOM   357 N N   . GLY A 1 45 ? 4.560   -5.190  -7.487  1.00 17.46 ? 44  GLY A N   1 
ATOM   358 C CA  . GLY A 1 45 ? 4.397   -3.837  -7.986  1.00 17.53 ? 44  GLY A CA  1 
ATOM   359 C C   . GLY A 1 45 ? 4.679   -2.785  -6.929  1.00 16.76 ? 44  GLY A C   1 
ATOM   360 O O   . GLY A 1 45 ? 3.999   -1.762  -6.853  1.00 16.33 ? 44  GLY A O   1 
ATOM   361 N N   . LEU A 1 46 ? 5.691   -3.029  -6.105  1.00 15.26 ? 45  LEU A N   1 
ATOM   362 C CA  . LEU A 1 46 ? 6.037   -2.084  -5.053  1.00 16.02 ? 45  LEU A CA  1 
ATOM   363 C C   . LEU A 1 46 ? 6.808   -0.903  -5.632  1.00 17.82 ? 45  LEU A C   1 
ATOM   364 O O   . LEU A 1 46 ? 8.036   -0.854  -5.576  1.00 20.94 ? 45  LEU A O   1 
ATOM   365 C CB  . LEU A 1 46 ? 6.850   -2.793  -3.970  1.00 15.59 ? 45  LEU A CB  1 
ATOM   366 C CG  . LEU A 1 46 ? 6.126   -3.995  -3.348  1.00 15.36 ? 45  LEU A CG  1 
ATOM   367 C CD1 . LEU A 1 46 ? 6.968   -4.571  -2.227  1.00 15.15 ? 45  LEU A CD1 1 
ATOM   368 C CD2 . LEU A 1 46 ? 4.762   -3.571  -2.815  1.00 15.94 ? 45  LEU A CD2 1 
ATOM   369 N N   . THR A 1 47 ? 6.060   0.049   -6.182  1.00 17.42 ? 46  THR A N   1 
ATOM   370 C CA  . THR A 1 47 ? 6.626   1.238   -6.806  1.00 18.66 ? 46  THR A CA  1 
ATOM   371 C C   . THR A 1 47 ? 6.370   2.484   -5.964  1.00 16.08 ? 46  THR A C   1 
ATOM   372 O O   . THR A 1 47 ? 5.318   2.605   -5.333  1.00 14.54 ? 46  THR A O   1 
ATOM   373 C CB  . THR A 1 47 ? 6.004   1.466   -8.196  1.00 20.87 ? 46  THR A CB  1 
ATOM   374 O OG1 . THR A 1 47 ? 5.931   0.218   -8.899  1.00 26.07 ? 46  THR A OG1 1 
ATOM   375 C CG2 . THR A 1 47 ? 6.845   2.449   -8.996  1.00 25.22 ? 46  THR A CG2 1 
ATOM   376 N N   . ARG A 1 48 ? 7.332   3.408   -5.971  1.00 14.84 ? 47  ARG A N   1 
ATOM   377 C CA  . ARG A 1 48 ? 7.237   4.658   -5.217  1.00 14.16 ? 47  ARG A CA  1 
ATOM   378 C C   . ARG A 1 48 ? 6.687   4.389   -3.817  1.00 12.89 ? 47  ARG A C   1 
ATOM   379 O O   . ARG A 1 48 ? 7.258   3.590   -3.075  1.00 13.11 ? 47  ARG A O   1 
ATOM   380 C CB  . ARG A 1 48 ? 6.358   5.660   -5.976  1.00 14.31 ? 47  ARG A CB  1 
ATOM   381 C CG  . ARG A 1 48 ? 6.934   6.030   -7.345  1.00 15.46 ? 47  ARG A CG  1 
ATOM   382 C CD  . ARG A 1 48 ? 6.109   7.079   -8.073  1.00 16.18 ? 47  ARG A CD  1 
ATOM   383 N NE  . ARG A 1 48 ? 6.749   7.482   -9.326  1.00 19.62 ? 47  ARG A NE  1 
ATOM   384 C CZ  . ARG A 1 48 ? 6.294   8.443   -10.123 1.00 21.02 ? 47  ARG A CZ  1 
ATOM   385 N NH1 . ARG A 1 48 ? 5.190   9.108   -9.805  1.00 23.92 ? 47  ARG A NH1 1 
ATOM   386 N NH2 . ARG A 1 48 ? 6.949   8.749   -11.235 1.00 23.71 ? 47  ARG A NH2 1 
ATOM   387 N N   . ASN A 1 49 ? 5.597   5.056   -3.454  1.00 11.88 ? 48  ASN A N   1 
ATOM   388 C CA  . ASN A 1 49 ? 4.973   4.859   -2.148  1.00 12.07 ? 48  ASN A CA  1 
ATOM   389 C C   . ASN A 1 49 ? 3.504   4.497   -2.367  1.00 11.58 ? 48  ASN A C   1 
ATOM   390 O O   . ASN A 1 49 ? 2.647   4.783   -1.529  1.00 12.11 ? 48  ASN A O   1 
ATOM   391 C CB  . ASN A 1 49 ? 5.075   6.141   -1.312  1.00 11.54 ? 48  ASN A CB  1 
ATOM   392 C CG  . ASN A 1 49 ? 4.264   7.283   -1.896  1.00 11.14 ? 48  ASN A CG  1 
ATOM   393 O OD1 . ASN A 1 49 ? 3.997   7.311   -3.097  1.00 13.82 ? 48  ASN A OD1 1 
ATOM   394 N ND2 . ASN A 1 49 ? 3.879   8.236   -1.054  1.00 12.10 ? 48  ASN A ND2 1 
ATOM   395 N N   . TYR A 1 50 ? 3.218   3.854   -3.495  1.00 12.50 ? 49  TYR A N   1 
ATOM   396 C CA  . TYR A 1 50 ? 1.844   3.489   -3.815  1.00 13.04 ? 49  TYR A CA  1 
ATOM   397 C C   . TYR A 1 50 ? 1.263   2.386   -2.939  1.00 12.38 ? 49  TYR A C   1 
ATOM   398 O O   . TYR A 1 50 ? 1.932   1.409   -2.602  1.00 12.07 ? 49  TYR A O   1 
ATOM   399 C CB  . TYR A 1 50 ? 1.723   3.073   -5.287  1.00 13.56 ? 49  TYR A CB  1 
ATOM   400 C CG  . TYR A 1 50 ? 2.095   4.157   -6.281  1.00 14.50 ? 49  TYR A CG  1 
ATOM   401 C CD1 . TYR A 1 50 ? 1.964   5.507   -5.956  1.00 17.91 ? 49  TYR A CD1 1 
ATOM   402 C CD2 . TYR A 1 50 ? 2.533   3.829   -7.561  1.00 18.31 ? 49  TYR A CD2 1 
ATOM   403 C CE1 . TYR A 1 50 ? 2.258   6.505   -6.887  1.00 19.50 ? 49  TYR A CE1 1 
ATOM   404 C CE2 . TYR A 1 50 ? 2.827   4.816   -8.498  1.00 18.31 ? 49  TYR A CE2 1 
ATOM   405 C CZ  . TYR A 1 50 ? 2.686   6.149   -8.154  1.00 19.18 ? 49  TYR A CZ  1 
ATOM   406 O OH  . TYR A 1 50 ? 2.953   7.127   -9.087  1.00 21.94 ? 49  TYR A OH  1 
ATOM   407 N N   . CYS A 1 51 ? -0.002  2.558   -2.584  1.00 11.82 ? 50  CYS A N   1 
ATOM   408 C CA  . CYS A 1 51 ? -0.720  1.585   -1.779  1.00 12.23 ? 50  CYS A CA  1 
ATOM   409 C C   . CYS A 1 51 ? -0.704  0.241   -2.484  1.00 11.87 ? 50  CYS A C   1 
ATOM   410 O O   . CYS A 1 51 ? -1.012  0.154   -3.673  1.00 12.31 ? 50  CYS A O   1 
ATOM   411 C CB  . CYS A 1 51 ? -2.158  2.045   -1.603  1.00 13.38 ? 50  CYS A CB  1 
ATOM   412 S SG  . CYS A 1 51 ? -2.265  3.591   -0.666  1.00 14.16 ? 50  CYS A SG  1 
ATOM   413 N N   . ARG A 1 52 ? -0.363  -0.811  -1.748  1.00 11.45 ? 51  ARG A N   1 
ATOM   414 C CA  . ARG A 1 52 ? -0.300  -2.147  -2.325  1.00 10.97 ? 51  ARG A CA  1 
ATOM   415 C C   . ARG A 1 52 ? -0.631  -3.202  -1.284  1.00 11.58 ? 51  ARG A C   1 
ATOM   416 O O   . ARG A 1 52 ? -0.683  -2.915  -0.091  1.00 11.66 ? 51  ARG A O   1 
ATOM   417 C CB  . ARG A 1 52 ? 1.116   -2.415  -2.858  1.00 11.84 ? 51  ARG A CB  1 
ATOM   418 C CG  . ARG A 1 52 ? 1.545   -1.528  -4.014  1.00 12.49 ? 51  ARG A CG  1 
ATOM   419 C CD  . ARG A 1 52 ? 0.927   -2.006  -5.318  1.00 12.68 ? 51  ARG A CD  1 
ATOM   420 N NE  . ARG A 1 52 ? 1.367   -1.216  -6.468  1.00 11.94 ? 51  ARG A NE  1 
ATOM   421 C CZ  . ARG A 1 52 ? 0.782   -0.099  -6.887  1.00 12.72 ? 51  ARG A CZ  1 
ATOM   422 N NH1 . ARG A 1 52 ? -0.281  0.382   -6.255  1.00 13.97 ? 51  ARG A NH1 1 
ATOM   423 N NH2 . ARG A 1 52 ? 1.252   0.534   -7.957  1.00 13.94 ? 51  ARG A NH2 1 
ATOM   424 N N   . ASN A 1 53 ? -0.873  -4.421  -1.750  1.00 11.32 ? 52  ASN A N   1 
ATOM   425 C CA  . ASN A 1 53 ? -1.123  -5.543  -0.857  1.00 11.87 ? 52  ASN A CA  1 
ATOM   426 C C   . ASN A 1 53 ? -0.275  -6.682  -1.409  1.00 13.36 ? 52  ASN A C   1 
ATOM   427 O O   . ASN A 1 53 ? -0.785  -7.593  -2.065  1.00 14.18 ? 52  ASN A O   1 
ATOM   428 C CB  . ASN A 1 53 ? -2.596  -5.946  -0.847  1.00 11.92 ? 52  ASN A CB  1 
ATOM   429 C CG  . ASN A 1 53 ? -2.876  -7.091  0.115   1.00 13.91 ? 52  ASN A CG  1 
ATOM   430 O OD1 . ASN A 1 53 ? -3.985  -7.627  0.152   1.00 16.44 ? 52  ASN A OD1 1 
ATOM   431 N ND2 . ASN A 1 53 ? -1.869  -7.467  0.904   1.00 10.91 ? 52  ASN A ND2 1 
ATOM   432 N N   . PRO A 1 54 ? 1.044   -6.626  -1.166  1.00 12.53 ? 53  PRO A N   1 
ATOM   433 C CA  . PRO A 1 54 ? 1.980   -7.650  -1.640  1.00 14.14 ? 53  PRO A CA  1 
ATOM   434 C C   . PRO A 1 54 ? 1.894   -8.944  -0.846  1.00 14.86 ? 53  PRO A C   1 
ATOM   435 O O   . PRO A 1 54 ? 2.500   -9.952  -1.212  1.00 15.99 ? 53  PRO A O   1 
ATOM   436 C CB  . PRO A 1 54 ? 3.334   -6.964  -1.489  1.00 13.55 ? 53  PRO A CB  1 
ATOM   437 C CG  . PRO A 1 54 ? 3.141   -6.135  -0.264  1.00 13.98 ? 53  PRO A CG  1 
ATOM   438 C CD  . PRO A 1 54 ? 1.764   -5.530  -0.491  1.00 13.13 ? 53  PRO A CD  1 
ATOM   439 N N   . ASP A 1 55 ? 1.141   -8.910  0.247   1.00 14.28 ? 54  ASP A N   1 
ATOM   440 C CA  . ASP A 1 55 ? 0.986   -10.086 1.087   1.00 14.94 ? 54  ASP A CA  1 
ATOM   441 C C   . ASP A 1 55 ? -0.438  -10.628 1.014   1.00 15.43 ? 54  ASP A C   1 
ATOM   442 O O   . ASP A 1 55 ? -0.960  -10.850 -0.080  1.00 16.34 ? 54  ASP A O   1 
ATOM   443 C CB  . ASP A 1 55 ? 1.384   -9.752  2.527   1.00 15.37 ? 54  ASP A CB  1 
ATOM   444 C CG  . ASP A 1 55 ? 2.852   -9.364  2.646   1.00 16.68 ? 54  ASP A CG  1 
ATOM   445 O OD1 . ASP A 1 55 ? 3.184   -8.173  2.451   1.00 17.25 ? 54  ASP A OD1 1 
ATOM   446 O OD2 . ASP A 1 55 ? 3.681   -10.257 2.917   1.00 18.21 ? 54  ASP A OD2 1 
ATOM   447 N N   . ALA A 1 56 ? -1.066  -10.842 2.165   1.00 14.26 ? 55  ALA A N   1 
ATOM   448 C CA  . ALA A 1 56 ? -2.424  -11.379 2.189   1.00 14.53 ? 55  ALA A CA  1 
ATOM   449 C C   . ALA A 1 56 ? -3.363  -10.565 3.071   1.00 14.46 ? 55  ALA A C   1 
ATOM   450 O O   . ALA A 1 56 ? -4.205  -11.123 3.779   1.00 15.09 ? 55  ALA A O   1 
ATOM   451 C CB  . ALA A 1 56 ? -2.398  -12.833 2.654   1.00 16.96 ? 55  ALA A CB  1 
ATOM   452 N N   . GLU A 1 57 ? -3.220  -9.245  3.026   1.00 12.53 ? 56  GLU A N   1 
ATOM   453 C CA  . GLU A 1 57 ? -4.069  -8.367  3.819   1.00 13.06 ? 56  GLU A CA  1 
ATOM   454 C C   . GLU A 1 57 ? -5.472  -8.245  3.228   1.00 13.22 ? 56  GLU A C   1 
ATOM   455 O O   . GLU A 1 57 ? -5.754  -8.789  2.160   1.00 14.29 ? 56  GLU A O   1 
ATOM   456 C CB  . GLU A 1 57 ? -3.414  -6.988  3.957   1.00 13.01 ? 56  GLU A CB  1 
ATOM   457 C CG  . GLU A 1 57 ? -2.491  -6.909  5.163   1.00 13.39 ? 56  GLU A CG  1 
ATOM   458 C CD  . GLU A 1 57 ? -3.254  -7.081  6.465   1.00 13.77 ? 56  GLU A CD  1 
ATOM   459 O OE1 . GLU A 1 57 ? -2.625  -7.400  7.493   1.00 13.55 ? 56  GLU A OE1 1 
ATOM   460 O OE2 . GLU A 1 57 ? -4.489  -6.890  6.458   1.00 14.33 ? 56  GLU A OE2 1 
ATOM   461 N N   . ILE A 1 58 ? -6.347  -7.530  3.927   1.00 12.65 ? 57  ILE A N   1 
ATOM   462 C CA  . ILE A 1 58 ? -7.727  -7.359  3.480   1.00 13.00 ? 57  ILE A CA  1 
ATOM   463 C C   . ILE A 1 58 ? -7.901  -6.308  2.389   1.00 12.12 ? 57  ILE A C   1 
ATOM   464 O O   . ILE A 1 58 ? -8.906  -6.310  1.669   1.00 13.19 ? 57  ILE A O   1 
ATOM   465 C CB  . ILE A 1 58 ? -8.647  -6.983  4.656   1.00 12.19 ? 57  ILE A CB  1 
ATOM   466 C CG1 . ILE A 1 58 ? -8.056  -5.795  5.419   1.00 14.16 ? 57  ILE A CG1 1 
ATOM   467 C CG2 . ILE A 1 58 ? -8.834  -8.190  5.571   1.00 14.13 ? 57  ILE A CG2 1 
ATOM   468 C CD1 . ILE A 1 58 ? -9.012  -5.169  6.410   1.00 14.44 ? 57  ILE A CD1 1 
ATOM   469 N N   . ARG A 1 59 ? -6.926  -5.410  2.272   1.00 11.68 ? 58  ARG A N   1 
ATOM   470 C CA  . ARG A 1 59 ? -6.962  -4.348  1.277   1.00 13.00 ? 58  ARG A CA  1 
ATOM   471 C C   . ARG A 1 59 ? -5.594  -3.688  1.161   1.00 12.51 ? 58  ARG A C   1 
ATOM   472 O O   . ARG A 1 59 ? -4.698  -3.977  1.949   1.00 12.16 ? 58  ARG A O   1 
ATOM   473 C CB  . ARG A 1 59 ? -8.016  -3.299  1.649   1.00 14.85 ? 58  ARG A CB  1 
ATOM   474 C CG  . ARG A 1 59 ? -7.807  -2.574  2.968   1.00 19.29 ? 58  ARG A CG  1 
ATOM   475 C CD  . ARG A 1 59 ? -8.745  -1.367  3.020   1.00 24.96 ? 58  ARG A CD  1 
ATOM   476 N NE  . ARG A 1 59 ? -9.064  -0.940  4.374   1.00 31.50 ? 58  ARG A NE  1 
ATOM   477 C CZ  . ARG A 1 59 ? -9.739  0.169   4.663   1.00 30.87 ? 58  ARG A CZ  1 
ATOM   478 N NH1 . ARG A 1 59 ? -10.160 0.967   3.688   1.00 30.79 ? 58  ARG A NH1 1 
ATOM   479 N NH2 . ARG A 1 59 ? -10.005 0.473   5.925   1.00 33.02 ? 58  ARG A NH2 1 
ATOM   480 N N   . PRO A 1 60 ? -5.410  -2.802  0.165   1.00 11.32 ? 59  PRO A N   1 
ATOM   481 C CA  . PRO A 1 60 ? -4.115  -2.136  0.003   1.00 10.97 ? 59  PRO A CA  1 
ATOM   482 C C   . PRO A 1 60 ? -3.701  -1.355  1.240   1.00 11.41 ? 59  PRO A C   1 
ATOM   483 O O   . PRO A 1 60 ? -4.529  -0.758  1.930   1.00 12.06 ? 59  PRO A O   1 
ATOM   484 C CB  . PRO A 1 60 ? -4.337  -1.236  -1.207  1.00 11.37 ? 59  PRO A CB  1 
ATOM   485 C CG  . PRO A 1 60 ? -5.334  -2.025  -2.020  1.00 12.52 ? 59  PRO A CG  1 
ATOM   486 C CD  . PRO A 1 60 ? -6.307  -2.467  -0.958  1.00 11.51 ? 59  PRO A CD  1 
ATOM   487 N N   . TRP A 1 61 ? -2.404  -1.360  1.507   1.00 10.46 ? 60  TRP A N   1 
ATOM   488 C CA  . TRP A 1 61 ? -1.865  -0.686  2.668   1.00 9.99  ? 60  TRP A CA  1 
ATOM   489 C C   . TRP A 1 61 ? -0.479  -0.145  2.348   1.00 8.90  ? 60  TRP A C   1 
ATOM   490 O O   . TRP A 1 61 ? 0.016   -0.272  1.226   1.00 9.58  ? 60  TRP A O   1 
ATOM   491 C CB  . TRP A 1 61 ? -1.775  -1.673  3.835   1.00 10.35 ? 60  TRP A CB  1 
ATOM   492 C CG  . TRP A 1 61 ? -0.962  -2.901  3.508   1.00 10.07 ? 60  TRP A CG  1 
ATOM   493 C CD1 . TRP A 1 61 ? -1.399  -4.042  2.891   1.00 10.28 ? 60  TRP A CD1 1 
ATOM   494 C CD2 . TRP A 1 61 ? 0.440   -3.086  3.745   1.00 10.13 ? 60  TRP A CD2 1 
ATOM   495 N NE1 . TRP A 1 61 ? -0.353  -4.925  2.731   1.00 11.84 ? 60  TRP A NE1 1 
ATOM   496 C CE2 . TRP A 1 61 ? 0.786   -4.362  3.244   1.00 11.38 ? 60  TRP A CE2 1 
ATOM   497 C CE3 . TRP A 1 61 ? 1.439   -2.296  4.330   1.00 10.86 ? 60  TRP A CE3 1 
ATOM   498 C CZ2 . TRP A 1 61 ? 2.091   -4.867  3.311   1.00 11.25 ? 60  TRP A CZ2 1 
ATOM   499 C CZ3 . TRP A 1 61 ? 2.738   -2.797  4.398   1.00 10.25 ? 60  TRP A CZ3 1 
ATOM   500 C CH2 . TRP A 1 61 ? 3.049   -4.072  3.889   1.00 12.23 ? 60  TRP A CH2 1 
ATOM   501 N N   . CYS A 1 62 ? 0.149   0.457   3.347   1.00 9.69  ? 61  CYS A N   1 
ATOM   502 C CA  . CYS A 1 62 ? 1.480   0.991   3.164   1.00 10.33 ? 61  CYS A CA  1 
ATOM   503 C C   . CYS A 1 62 ? 2.076   1.385   4.505   1.00 9.63  ? 61  CYS A C   1 
ATOM   504 O O   . CYS A 1 62 ? 1.349   1.591   5.479   1.00 10.09 ? 61  CYS A O   1 
ATOM   505 C CB  . CYS A 1 62 ? 1.414   2.226   2.271   1.00 11.77 ? 61  CYS A CB  1 
ATOM   506 S SG  . CYS A 1 62 ? 0.676   3.695   3.059   1.00 11.64 ? 61  CYS A SG  1 
ATOM   507 N N   . TYR A 1 63 ? 3.402   1.455   4.563   1.00 10.07 ? 62  TYR A N   1 
ATOM   508 C CA  . TYR A 1 63 ? 4.066   1.918   5.771   1.00 10.07 ? 62  TYR A CA  1 
ATOM   509 C C   . TYR A 1 63 ? 3.841   3.425   5.675   1.00 10.88 ? 62  TYR A C   1 
ATOM   510 O O   . TYR A 1 63 ? 3.712   3.953   4.569   1.00 11.69 ? 62  TYR A O   1 
ATOM   511 C CB  . TYR A 1 63 ? 5.558   1.566   5.734   1.00 10.76 ? 62  TYR A CB  1 
ATOM   512 C CG  . TYR A 1 63 ? 5.798   0.086   5.905   1.00 10.99 ? 62  TYR A CG  1 
ATOM   513 C CD1 . TYR A 1 63 ? 6.076   -0.734  4.812   1.00 11.19 ? 62  TYR A CD1 1 
ATOM   514 C CD2 . TYR A 1 63 ? 5.676   -0.508  7.158   1.00 10.91 ? 62  TYR A CD2 1 
ATOM   515 C CE1 . TYR A 1 63 ? 6.220   -2.111  4.966   1.00 11.59 ? 62  TYR A CE1 1 
ATOM   516 C CE2 . TYR A 1 63 ? 5.815   -1.881  7.324   1.00 11.52 ? 62  TYR A CE2 1 
ATOM   517 C CZ  . TYR A 1 63 ? 6.086   -2.678  6.223   1.00 12.82 ? 62  TYR A CZ  1 
ATOM   518 O OH  . TYR A 1 63 ? 6.204   -4.041  6.378   1.00 14.00 ? 62  TYR A OH  1 
ATOM   519 N N   . THR A 1 64 ? 3.776   4.126   6.802   1.00 11.16 ? 63  THR A N   1 
ATOM   520 C CA  . THR A 1 64 ? 3.509   5.563   6.739   1.00 11.78 ? 63  THR A CA  1 
ATOM   521 C C   . THR A 1 64 ? 4.699   6.446   7.083   1.00 11.68 ? 63  THR A C   1 
ATOM   522 O O   . THR A 1 64 ? 5.659   6.006   7.714   1.00 11.79 ? 63  THR A O   1 
ATOM   523 C CB  . THR A 1 64 ? 2.318   5.973   7.660   1.00 11.23 ? 63  THR A CB  1 
ATOM   524 O OG1 . THR A 1 64 ? 2.809   6.378   8.943   1.00 11.96 ? 63  THR A OG1 1 
ATOM   525 C CG2 . THR A 1 64 ? 1.349   4.813   7.844   1.00 11.27 ? 63  THR A CG2 1 
ATOM   526 N N   . MET A 1 65 ? 4.622   7.706   6.664   1.00 12.34 ? 64  MET A N   1 
ATOM   527 C CA  . MET A 1 65 ? 5.695   8.655   6.930   1.00 12.75 ? 64  MET A CA  1 
ATOM   528 C C   . MET A 1 65 ? 5.677   9.194   8.355   1.00 14.04 ? 64  MET A C   1 
ATOM   529 O O   . MET A 1 65 ? 6.525   10.002  8.729   1.00 15.44 ? 64  MET A O   1 
ATOM   530 C CB  . MET A 1 65 ? 5.637   9.809   5.929   1.00 12.98 ? 64  MET A CB  1 
ATOM   531 C CG  . MET A 1 65 ? 6.014   9.402   4.513   1.00 13.44 ? 64  MET A CG  1 
ATOM   532 S SD  . MET A 1 65 ? 7.672   8.692   4.411   1.00 15.96 ? 64  MET A SD  1 
ATOM   533 C CE  . MET A 1 65 ? 8.686   10.184  4.411   1.00 17.65 ? 64  MET A CE  1 
ATOM   534 N N   . ASP A 1 66 ? 4.708   8.750   9.148   1.00 13.40 ? 65  ASP A N   1 
ATOM   535 C CA  . ASP A 1 66 ? 4.616   9.156   10.547  1.00 13.64 ? 65  ASP A CA  1 
ATOM   536 C C   . ASP A 1 66 ? 5.398   8.106   11.338  1.00 14.49 ? 65  ASP A C   1 
ATOM   537 O O   . ASP A 1 66 ? 5.041   6.928   11.335  1.00 13.61 ? 65  ASP A O   1 
ATOM   538 C CB  . ASP A 1 66 ? 3.148   9.185   10.991  1.00 13.05 ? 65  ASP A CB  1 
ATOM   539 C CG  . ASP A 1 66 ? 2.974   9.656   12.425  1.00 14.69 ? 65  ASP A CG  1 
ATOM   540 O OD1 . ASP A 1 66 ? 1.836   10.023  12.792  1.00 17.08 ? 65  ASP A OD1 1 
ATOM   541 O OD2 . ASP A 1 66 ? 3.962   9.652   13.189  1.00 17.32 ? 65  ASP A OD2 1 
ATOM   542 N N   . PRO A 1 67 ? 6.489   8.513   12.010  1.00 14.26 ? 66  PRO A N   1 
ATOM   543 C CA  . PRO A 1 67 ? 7.295   7.567   12.789  1.00 13.76 ? 66  PRO A CA  1 
ATOM   544 C C   . PRO A 1 67 ? 6.505   6.803   13.848  1.00 13.71 ? 66  PRO A C   1 
ATOM   545 O O   . PRO A 1 67 ? 6.879   5.694   14.229  1.00 15.33 ? 66  PRO A O   1 
ATOM   546 C CB  . PRO A 1 67 ? 8.368   8.460   13.410  1.00 14.60 ? 66  PRO A CB  1 
ATOM   547 C CG  . PRO A 1 67 ? 8.548   9.525   12.372  1.00 17.18 ? 66  PRO A CG  1 
ATOM   548 C CD  . PRO A 1 67 ? 7.121   9.843   11.982  1.00 15.25 ? 66  PRO A CD  1 
ATOM   549 N N   . SER A 1 68 ? 5.409   7.396   14.312  1.00 14.26 ? 67  SER A N   1 
ATOM   550 C CA  . SER A 1 68 ? 4.582   6.778   15.345  1.00 15.77 ? 67  SER A CA  1 
ATOM   551 C C   . SER A 1 68 ? 3.567   5.755   14.843  1.00 14.58 ? 67  SER A C   1 
ATOM   552 O O   . SER A 1 68 ? 2.959   5.043   15.639  1.00 14.67 ? 67  SER A O   1 
ATOM   553 C CB  . SER A 1 68 ? 3.848   7.860   16.138  1.00 18.56 ? 67  SER A CB  1 
ATOM   554 O OG  . SER A 1 68 ? 4.766   8.686   16.833  1.00 21.20 ? 67  SER A OG  1 
ATOM   555 N N   . VAL A 1 69 ? 3.374   5.689   13.529  1.00 13.90 ? 68  VAL A N   1 
ATOM   556 C CA  . VAL A 1 69 ? 2.419   4.749   12.953  1.00 12.67 ? 68  VAL A CA  1 
ATOM   557 C C   . VAL A 1 69 ? 3.128   3.960   11.857  1.00 11.68 ? 68  VAL A C   1 
ATOM   558 O O   . VAL A 1 69 ? 3.315   4.449   10.747  1.00 12.23 ? 68  VAL A O   1 
ATOM   559 C CB  . VAL A 1 69 ? 1.198   5.497   12.375  1.00 12.86 ? 68  VAL A CB  1 
ATOM   560 C CG1 . VAL A 1 69 ? 0.176   4.507   11.850  1.00 13.79 ? 68  VAL A CG1 1 
ATOM   561 C CG2 . VAL A 1 69 ? 0.575   6.371   13.460  1.00 14.41 ? 68  VAL A CG2 1 
ATOM   562 N N   . ARG A 1 70 ? 3.521   2.729   12.180  1.00 11.98 ? 69  ARG A N   1 
ATOM   563 C CA  . ARG A 1 70 ? 4.263   1.897   11.234  1.00 10.79 ? 69  ARG A CA  1 
ATOM   564 C C   . ARG A 1 70 ? 3.562   1.674   9.897   1.00 10.22 ? 69  ARG A C   1 
ATOM   565 O O   . ARG A 1 70 ? 4.096   2.034   8.846   1.00 10.37 ? 69  ARG A O   1 
ATOM   566 C CB  . ARG A 1 70 ? 4.619   0.557   11.880  1.00 11.68 ? 69  ARG A CB  1 
ATOM   567 C CG  . ARG A 1 70 ? 5.517   -0.320  11.020  1.00 12.67 ? 69  ARG A CG  1 
ATOM   568 C CD  . ARG A 1 70 ? 5.952   -1.572  11.773  1.00 13.46 ? 69  ARG A CD  1 
ATOM   569 N NE  . ARG A 1 70 ? 6.604   -2.553  10.906  1.00 14.27 ? 69  ARG A NE  1 
ATOM   570 C CZ  . ARG A 1 70 ? 7.835   -2.436  10.415  1.00 12.27 ? 69  ARG A CZ  1 
ATOM   571 N NH1 . ARG A 1 70 ? 8.578   -1.375  10.699  1.00 13.84 ? 69  ARG A NH1 1 
ATOM   572 N NH2 . ARG A 1 70 ? 8.325   -3.386  9.625   1.00 12.73 ? 69  ARG A NH2 1 
ATOM   573 N N   . TRP A 1 71 ? 2.386   1.061   9.912   1.00 10.82 ? 70  TRP A N   1 
ATOM   574 C CA  . TRP A 1 71 ? 1.673   0.868   8.658   1.00 10.84 ? 70  TRP A CA  1 
ATOM   575 C C   . TRP A 1 71 ? 0.182   1.050   8.852   1.00 10.46 ? 70  TRP A C   1 
ATOM   576 O O   . TRP A 1 71 ? -0.333  0.955   9.965   1.00 11.46 ? 70  TRP A O   1 
ATOM   577 C CB  . TRP A 1 71 ? 1.980   -0.506  8.031   1.00 11.61 ? 70  TRP A CB  1 
ATOM   578 C CG  . TRP A 1 71 ? 1.412   -1.710  8.728   1.00 11.35 ? 70  TRP A CG  1 
ATOM   579 C CD1 . TRP A 1 71 ? 1.958   -2.388  9.782   1.00 12.83 ? 70  TRP A CD1 1 
ATOM   580 C CD2 . TRP A 1 71 ? 0.203   -2.402  8.390   1.00 12.12 ? 70  TRP A CD2 1 
ATOM   581 N NE1 . TRP A 1 71 ? 1.166   -3.462  10.118  1.00 14.16 ? 70  TRP A NE1 1 
ATOM   582 C CE2 . TRP A 1 71 ? 0.082   -3.492  9.280   1.00 12.72 ? 70  TRP A CE2 1 
ATOM   583 C CE3 . TRP A 1 71 ? -0.789  -2.205  7.422   1.00 12.92 ? 70  TRP A CE3 1 
ATOM   584 C CZ2 . TRP A 1 71 ? -0.994  -4.386  9.230   1.00 12.09 ? 70  TRP A CZ2 1 
ATOM   585 C CZ3 . TRP A 1 71 ? -1.861  -3.094  7.372   1.00 13.11 ? 70  TRP A CZ3 1 
ATOM   586 C CH2 . TRP A 1 71 ? -1.952  -4.172  8.272   1.00 12.53 ? 70  TRP A CH2 1 
ATOM   587 N N   . GLU A 1 72 ? -0.506  1.334   7.756   1.00 10.63 ? 71  GLU A N   1 
ATOM   588 C CA  . GLU A 1 72 ? -1.943  1.551   7.790   1.00 11.24 ? 71  GLU A CA  1 
ATOM   589 C C   . GLU A 1 72 ? -2.577  1.115   6.491   1.00 10.72 ? 71  GLU A C   1 
ATOM   590 O O   . GLU A 1 72 ? -1.914  1.011   5.461   1.00 11.79 ? 71  GLU A O   1 
ATOM   591 C CB  . GLU A 1 72 ? -2.267  3.033   7.929   1.00 12.73 ? 71  GLU A CB  1 
ATOM   592 C CG  . GLU A 1 72 ? -2.154  3.649   9.291   1.00 14.16 ? 71  GLU A CG  1 
ATOM   593 C CD  . GLU A 1 72 ? -2.661  5.077   9.256   1.00 15.16 ? 71  GLU A CD  1 
ATOM   594 O OE1 . GLU A 1 72 ? -1.940  5.949   8.731   1.00 15.04 ? 71  GLU A OE1 1 
ATOM   595 O OE2 . GLU A 1 72 ? -3.792  5.320   9.728   1.00 16.68 ? 71  GLU A OE2 1 
ATOM   596 N N   . TYR A 1 73 ? -3.882  0.882   6.544   1.00 11.02 ? 72  TYR A N   1 
ATOM   597 C CA  . TYR A 1 73 ? -4.614  0.547   5.341   1.00 11.07 ? 72  TYR A CA  1 
ATOM   598 C C   . TYR A 1 73 ? -4.801  1.879   4.621   1.00 11.32 ? 72  TYR A C   1 
ATOM   599 O O   . TYR A 1 73 ? -4.862  2.938   5.252   1.00 12.59 ? 72  TYR A O   1 
ATOM   600 C CB  . TYR A 1 73 ? -5.978  -0.047  5.686   1.00 10.65 ? 72  TYR A CB  1 
ATOM   601 C CG  . TYR A 1 73 ? -5.892  -1.407  6.322   1.00 11.81 ? 72  TYR A CG  1 
ATOM   602 C CD1 . TYR A 1 73 ? -5.318  -2.479  5.637   1.00 12.54 ? 72  TYR A CD1 1 
ATOM   603 C CD2 . TYR A 1 73 ? -6.372  -1.625  7.611   1.00 12.30 ? 72  TYR A CD2 1 
ATOM   604 C CE1 . TYR A 1 73 ? -5.220  -3.734  6.222   1.00 12.74 ? 72  TYR A CE1 1 
ATOM   605 C CE2 . TYR A 1 73 ? -6.279  -2.876  8.207   1.00 13.76 ? 72  TYR A CE2 1 
ATOM   606 C CZ  . TYR A 1 73 ? -5.701  -3.925  7.508   1.00 13.38 ? 72  TYR A CZ  1 
ATOM   607 O OH  . TYR A 1 73 ? -5.591  -5.158  8.098   1.00 14.68 ? 72  TYR A OH  1 
ATOM   608 N N   . CYS A 1 74 ? -4.882  1.829   3.302   1.00 11.56 ? 73  CYS A N   1 
ATOM   609 C CA  . CYS A 1 74 ? -5.063  3.045   2.532   1.00 13.88 ? 73  CYS A CA  1 
ATOM   610 C C   . CYS A 1 74 ? -6.516  3.466   2.430   1.00 14.82 ? 73  CYS A C   1 
ATOM   611 O O   . CYS A 1 74 ? -7.425  2.650   2.580   1.00 14.42 ? 73  CYS A O   1 
ATOM   612 C CB  . CYS A 1 74 ? -4.478  2.860   1.153   1.00 14.36 ? 73  CYS A CB  1 
ATOM   613 S SG  . CYS A 1 74 ? -2.670  2.911   1.191   1.00 15.09 ? 73  CYS A SG  1 
ATOM   614 N N   . ASN A 1 75 ? -6.722  4.750   2.165   1.00 13.93 ? 74  ASN A N   1 
ATOM   615 C CA  . ASN A 1 75 ? -8.062  5.313   2.064   1.00 16.22 ? 74  ASN A CA  1 
ATOM   616 C C   . ASN A 1 75 ? -8.708  5.006   0.719   1.00 16.67 ? 74  ASN A C   1 
ATOM   617 O O   . ASN A 1 75 ? -9.118  5.916   -0.004  1.00 18.77 ? 74  ASN A O   1 
ATOM   618 C CB  . ASN A 1 75 ? -8.004  6.827   2.272   1.00 17.29 ? 74  ASN A CB  1 
ATOM   619 C CG  . ASN A 1 75 ? -9.352  7.414   2.634   1.00 21.30 ? 74  ASN A CG  1 
ATOM   620 O OD1 . ASN A 1 75 ? -9.604  8.600   2.415   1.00 24.90 ? 74  ASN A OD1 1 
ATOM   621 N ND2 . ASN A 1 75 ? -10.221 6.591   3.205   1.00 22.06 ? 74  ASN A ND2 1 
ATOM   622 N N   . LEU A 1 76 ? -8.792  3.720   0.396   1.00 16.24 ? 75  LEU A N   1 
ATOM   623 C CA  . LEU A 1 76 ? -9.398  3.253   -0.847  1.00 17.41 ? 75  LEU A CA  1 
ATOM   624 C C   . LEU A 1 76 ? -10.576 2.351   -0.518  1.00 18.45 ? 75  LEU A C   1 
ATOM   625 O O   . LEU A 1 76 ? -10.613 1.720   0.539   1.00 19.52 ? 75  LEU A O   1 
ATOM   626 C CB  . LEU A 1 76 ? -8.391  2.451   -1.675  1.00 18.94 ? 75  LEU A CB  1 
ATOM   627 C CG  . LEU A 1 76 ? -7.203  3.172   -2.310  1.00 19.51 ? 75  LEU A CG  1 
ATOM   628 C CD1 . LEU A 1 76 ? -6.224  2.143   -2.860  1.00 20.87 ? 75  LEU A CD1 1 
ATOM   629 C CD2 . LEU A 1 76 ? -7.694  4.095   -3.417  1.00 21.06 ? 75  LEU A CD2 1 
ATOM   630 N N   . THR A 1 77 ? -11.537 2.294   -1.431  1.00 19.42 ? 76  THR A N   1 
ATOM   631 C CA  . THR A 1 77 ? -12.701 1.444   -1.253  1.00 20.00 ? 76  THR A CA  1 
ATOM   632 C C   . THR A 1 77 ? -12.700 0.465   -2.416  1.00 16.65 ? 76  THR A C   1 
ATOM   633 O O   . THR A 1 77 ? -11.988 0.664   -3.402  1.00 17.62 ? 76  THR A O   1 
ATOM   634 C CB  . THR A 1 77 ? -14.018 2.255   -1.287  1.00 22.26 ? 76  THR A CB  1 
ATOM   635 O OG1 . THR A 1 77 ? -14.145 2.908   -2.555  1.00 26.83 ? 76  THR A OG1 1 
ATOM   636 C CG2 . THR A 1 77 ? -14.030 3.300   -0.182  1.00 26.06 ? 76  THR A CG2 1 
ATOM   637 N N   . GLN A 1 78 ? -13.479 -0.601  -2.294  1.00 17.50 ? 77  GLN A N   1 
ATOM   638 C CA  . GLN A 1 78 ? -13.558 -1.577  -3.369  1.00 16.27 ? 77  GLN A CA  1 
ATOM   639 C C   . GLN A 1 78 ? -14.338 -1.008  -4.540  1.00 15.43 ? 77  GLN A C   1 
ATOM   640 O O   . GLN A 1 78 ? -15.315 -0.282  -4.354  1.00 16.86 ? 77  GLN A O   1 
ATOM   641 C CB  . GLN A 1 78 ? -14.254 -2.851  -2.902  1.00 18.07 ? 77  GLN A CB  1 
ATOM   642 C CG  . GLN A 1 78 ? -13.327 -3.904  -2.365  1.00 18.23 ? 77  GLN A CG  1 
ATOM   643 C CD  . GLN A 1 78 ? -14.024 -5.229  -2.164  1.00 14.69 ? 77  GLN A CD  1 
ATOM   644 O OE1 . GLN A 1 78 ? -13.396 -6.220  -1.797  1.00 17.81 ? 77  GLN A OE1 1 
ATOM   645 N NE2 . GLN A 1 78 ? -15.332 -5.255  -2.401  1.00 12.54 ? 77  GLN A NE2 1 
ATOM   646 N N   . CYS A 1 79 ? -13.901 -1.341  -5.747  1.00 16.49 ? 78  CYS A N   1 
ATOM   647 C CA  . CYS A 1 79 ? -14.589 -0.888  -6.946  1.00 16.87 ? 78  CYS A CA  1 
ATOM   648 C C   . CYS A 1 79 ? -15.979 -1.489  -6.955  1.00 16.60 ? 78  CYS A C   1 
ATOM   649 O O   . CYS A 1 79 ? -16.189 -2.599  -6.463  1.00 15.91 ? 78  CYS A O   1 
ATOM   650 C CB  . CYS A 1 79 ? -13.874 -1.373  -8.199  1.00 17.88 ? 78  CYS A CB  1 
ATOM   651 S SG  . CYS A 1 79 ? -12.157 -0.826  -8.384  1.00 20.28 ? 78  CYS A SG  1 
ATOM   652 N N   . PRO A 1 80 ? -16.957 -0.764  -7.505  1.00 16.30 ? 79  PRO A N   1 
ATOM   653 C CA  . PRO A 1 80 ? -18.302 -1.332  -7.538  1.00 16.17 ? 79  PRO A CA  1 
ATOM   654 C C   . PRO A 1 80 ? -18.334 -2.415  -8.610  1.00 14.61 ? 79  PRO A C   1 
ATOM   655 O O   . PRO A 1 80 ? -17.470 -2.460  -9.488  1.00 15.33 ? 79  PRO A O   1 
ATOM   656 C CB  . PRO A 1 80 ? -19.171 -0.131  -7.905  1.00 17.17 ? 79  PRO A CB  1 
ATOM   657 C CG  . PRO A 1 80 ? -18.261 0.673   -8.786  1.00 20.08 ? 79  PRO A CG  1 
ATOM   658 C CD  . PRO A 1 80 ? -16.948 0.613   -8.032  1.00 18.20 ? 79  PRO A CD  1 
ATOM   659 N N   . VAL A 1 81 ? -19.319 -3.298  -8.526  1.00 14.34 ? 80  VAL A N   1 
ATOM   660 C CA  . VAL A 1 81 ? -19.470 -4.356  -9.514  1.00 13.92 ? 80  VAL A CA  1 
ATOM   661 C C   . VAL A 1 81 ? -19.758 -3.703  -10.870 1.00 14.45 ? 80  VAL A C   1 
ATOM   662 O O   . VAL A 1 81 ? -20.533 -2.747  -10.952 1.00 14.32 ? 80  VAL A O   1 
ATOM   663 C CB  . VAL A 1 81 ? -20.641 -5.288  -9.127  1.00 14.75 ? 80  VAL A CB  1 
ATOM   664 C CG1 . VAL A 1 81 ? -20.972 -6.229  -10.271 1.00 15.56 ? 80  VAL A CG1 1 
ATOM   665 C CG2 . VAL A 1 81 ? -20.283 -6.073  -7.875  1.00 14.68 ? 80  VAL A CG2 1 
ATOM   666 N N   . MET A 1 82 ? -19.123 -4.207  -11.926 1.00 14.20 ? 81  MET A N   1 
ATOM   667 C CA  . MET A 1 82 ? -19.327 -3.679  -13.276 1.00 16.50 ? 81  MET A CA  1 
ATOM   668 C C   . MET A 1 82 ? -20.742 -4.006  -13.761 1.00 16.99 ? 81  MET A C   1 
ATOM   669 O O   . MET A 1 82 ? -21.111 -5.174  -13.896 1.00 15.90 ? 81  MET A O   1 
ATOM   670 C CB  . MET A 1 82 ? -18.300 -4.289  -14.235 1.00 19.81 ? 81  MET A CB  1 
ATOM   671 C CG  . MET A 1 82 ? -18.377 -3.764  -15.660 1.00 25.37 ? 81  MET A CG  1 
ATOM   672 S SD  . MET A 1 82 ? -18.037 -1.998  -15.759 1.00 31.37 ? 81  MET A SD  1 
ATOM   673 C CE  . MET A 1 82 ? -16.254 -1.997  -15.615 1.00 31.84 ? 81  MET A CE  1 
ATOM   674 N N   . GLU A 1 83 ? -21.527 -2.971  -14.041 1.00 17.98 ? 82  GLU A N   1 
ATOM   675 C CA  . GLU A 1 83 ? -22.904 -3.159  -14.486 1.00 20.89 ? 82  GLU A CA  1 
ATOM   676 C C   . GLU A 1 83 ? -23.082 -3.077  -15.996 1.00 21.73 ? 82  GLU A C   1 
ATOM   677 O O   . GLU A 1 83 ? -22.224 -2.467  -16.663 1.00 24.13 ? 82  GLU A O   1 
ATOM   678 C CB  . GLU A 1 83 ? -23.802 -2.127  -13.808 1.00 21.07 ? 82  GLU A CB  1 
ATOM   679 C CG  . GLU A 1 83 ? -23.872 -2.296  -12.303 1.00 22.84 ? 82  GLU A CG  1 
ATOM   680 C CD  . GLU A 1 83 ? -24.700 -1.221  -11.637 1.00 25.79 ? 82  GLU A CD  1 
ATOM   681 O OE1 . GLU A 1 83 ? -25.036 -1.383  -10.445 1.00 28.38 ? 82  GLU A OE1 1 
ATOM   682 O OE2 . GLU A 1 83 ? -25.011 -0.214  -12.306 1.00 29.60 ? 82  GLU A OE2 1 
ATOM   683 O OXT . GLU A 1 83 ? -24.097 -3.616  -16.487 1.00 25.52 ? 82  GLU A OXT 1 
HETATM 684 S S   . SO4 B 2 .  ? 5.627   -5.999  9.757   1.00 22.33 ? 300 SO4 A S   1 
HETATM 685 O O1  . SO4 B 2 .  ? 5.124   -5.112  10.823  1.00 27.27 ? 300 SO4 A O1  1 
HETATM 686 O O2  . SO4 B 2 .  ? 6.628   -6.930  10.306  1.00 25.84 ? 300 SO4 A O2  1 
HETATM 687 O O3  . SO4 B 2 .  ? 6.276   -5.184  8.707   1.00 19.46 ? 300 SO4 A O3  1 
HETATM 688 O O4  . SO4 B 2 .  ? 4.514   -6.776  9.179   1.00 23.04 ? 300 SO4 A O4  1 
HETATM 689 O O   . HOH C 3 .  ? 5.043   1.569   2.155   1.00 13.38 ? 100 HOH A O   1 
HETATM 690 O O   . HOH C 3 .  ? -1.545  -4.416  -4.684  1.00 14.17 ? 101 HOH A O   1 
HETATM 691 O O   . HOH C 3 .  ? -5.305  3.534   10.956  1.00 16.54 ? 102 HOH A O   1 
HETATM 692 O O   . HOH C 3 .  ? 0.823   -5.939  -4.440  1.00 15.49 ? 103 HOH A O   1 
HETATM 693 O O   . HOH C 3 .  ? -5.185  1.082   9.302   1.00 15.58 ? 104 HOH A O   1 
HETATM 694 O O   . HOH C 3 .  ? -2.620  -7.646  10.104  1.00 19.87 ? 105 HOH A O   1 
HETATM 695 O O   . HOH C 3 .  ? -11.322 -5.008  1.283   1.00 16.38 ? 106 HOH A O   1 
HETATM 696 O O   . HOH C 3 .  ? 7.663   -5.079  -6.650  1.00 19.36 ? 107 HOH A O   1 
HETATM 697 O O   . HOH C 3 .  ? -14.064 -6.465  -5.258  1.00 16.33 ? 108 HOH A O   1 
HETATM 698 O O   . HOH C 3 .  ? 16.466  -6.869  4.381   1.00 19.72 ? 109 HOH A O   1 
HETATM 699 O O   . HOH C 3 .  ? 8.835   -6.341  6.860   1.00 18.67 ? 110 HOH A O   1 
HETATM 700 O O   . HOH C 3 .  ? -8.098  -3.364  -9.845  1.00 38.81 ? 111 HOH A O   1 
HETATM 701 O O   . HOH C 3 .  ? -6.688  -11.659 1.712   1.00 17.43 ? 112 HOH A O   1 
HETATM 702 O O   . HOH C 3 .  ? 8.638   0.874   12.540  1.00 17.90 ? 113 HOH A O   1 
HETATM 703 O O   . HOH C 3 .  ? 11.469  -1.597  -2.939  1.00 20.45 ? 114 HOH A O   1 
HETATM 704 O O   . HOH C 3 .  ? -2.996  9.608   -2.501  1.00 21.17 ? 115 HOH A O   1 
HETATM 705 O O   . HOH C 3 .  ? 10.380  0.205   -4.701  1.00 19.40 ? 116 HOH A O   1 
HETATM 706 O O   . HOH C 3 .  ? 3.361   1.945   14.933  1.00 19.43 ? 117 HOH A O   1 
HETATM 707 O O   . HOH C 3 .  ? 9.850   2.824   -3.920  1.00 18.54 ? 118 HOH A O   1 
HETATM 708 O O   . HOH C 3 .  ? -6.811  -11.181 4.782   1.00 24.64 ? 119 HOH A O   1 
HETATM 709 O O   . HOH C 3 .  ? -6.911  -11.329 -4.561  1.00 22.21 ? 120 HOH A O   1 
HETATM 710 O O   . HOH C 3 .  ? 2.196   11.602  6.905   1.00 28.07 ? 121 HOH A O   1 
HETATM 711 O O   . HOH C 3 .  ? 14.985  -4.631  3.826   1.00 21.46 ? 122 HOH A O   1 
HETATM 712 O O   . HOH C 3 .  ? 5.916   3.129   15.353  1.00 25.23 ? 123 HOH A O   1 
HETATM 713 O O   . HOH C 3 .  ? 3.021   9.306   -4.748  1.00 23.98 ? 124 HOH A O   1 
HETATM 714 O O   . HOH C 3 .  ? 2.988   -12.877 2.124   1.00 27.77 ? 125 HOH A O   1 
HETATM 715 O O   . HOH C 3 .  ? -22.330 -1.920  -9.180  1.00 24.80 ? 126 HOH A O   1 
HETATM 716 O O   . HOH C 3 .  ? 3.215   11.100  -1.880  1.00 27.81 ? 127 HOH A O   1 
HETATM 717 O O   . HOH C 3 .  ? -5.013  -1.257  -10.474 1.00 23.15 ? 128 HOH A O   1 
HETATM 718 O O   . HOH C 3 .  ? -7.773  -5.943  9.819   1.00 31.63 ? 129 HOH A O   1 
HETATM 719 O O   . HOH C 3 .  ? 1.577   11.787  14.843  1.00 35.37 ? 130 HOH A O   1 
HETATM 720 O O   . HOH C 3 .  ? 3.203   -0.634  -9.881  1.00 23.83 ? 131 HOH A O   1 
HETATM 721 O O   . HOH C 3 .  ? -7.094  -8.320  -5.983  1.00 25.76 ? 132 HOH A O   1 
HETATM 722 O O   . HOH C 3 .  ? 12.367  6.265   -2.710  1.00 22.75 ? 133 HOH A O   1 
HETATM 723 O O   . HOH C 3 .  ? -11.856 4.273   -3.252  1.00 35.30 ? 134 HOH A O   1 
HETATM 724 O O   . HOH C 3 .  ? 10.500  -10.865 5.400   1.00 22.20 ? 135 HOH A O   1 
HETATM 725 O O   . HOH C 3 .  ? -12.531 -1.110  2.187   1.00 31.26 ? 136 HOH A O   1 
HETATM 726 O O   . HOH C 3 .  ? 14.873  -4.233  -3.426  1.00 27.72 ? 137 HOH A O   1 
HETATM 727 O O   . HOH C 3 .  ? -0.015  -10.697 -2.892  1.00 24.02 ? 138 HOH A O   1 
HETATM 728 O O   . HOH C 3 .  ? 5.834   -10.845 -5.225  1.00 27.98 ? 139 HOH A O   1 
HETATM 729 O O   . HOH C 3 .  ? -0.155  -9.398  -7.303  1.00 28.73 ? 140 HOH A O   1 
HETATM 730 O O   . HOH C 3 .  ? 3.743   4.406   18.226  1.00 22.46 ? 141 HOH A O   1 
HETATM 731 O O   . HOH C 3 .  ? 9.576   3.134   -7.737  1.00 27.52 ? 142 HOH A O   1 
HETATM 732 O O   . HOH C 3 .  ? 3.336   -9.665  -3.949  1.00 24.95 ? 143 HOH A O   1 
HETATM 733 O O   . HOH C 3 .  ? 16.693  2.189   1.586   1.00 35.95 ? 144 HOH A O   1 
HETATM 734 O O   . HOH C 3 .  ? 3.168   -6.603  -10.713 1.00 37.54 ? 145 HOH A O   1 
HETATM 735 O O   . HOH C 3 .  ? 2.884   -12.732 -0.824  1.00 35.15 ? 146 HOH A O   1 
HETATM 736 O O   . HOH C 3 .  ? -8.621  -0.366  -10.032 1.00 37.19 ? 147 HOH A O   1 
HETATM 737 O O   . HOH C 3 .  ? 4.447   11.016  15.518  1.00 38.97 ? 148 HOH A O   1 
HETATM 738 O O   . HOH C 3 .  ? 3.697   9.744   -7.500  1.00 36.43 ? 149 HOH A O   1 
HETATM 739 O O   . HOH C 3 .  ? 6.051   -6.195  -9.708  1.00 27.14 ? 150 HOH A O   1 
HETATM 740 O O   . HOH C 3 .  ? -10.221 -1.800  7.724   1.00 35.40 ? 151 HOH A O   1 
HETATM 741 O O   . HOH C 3 .  ? -0.692  11.518  0.896   1.00 28.91 ? 152 HOH A O   1 
HETATM 742 O O   . HOH C 3 .  ? -25.196 -1.750  -17.949 1.00 41.76 ? 153 HOH A O   1 
HETATM 743 O O   . HOH C 3 .  ? 0.646   3.247   -10.699 1.00 39.89 ? 154 HOH A O   1 
HETATM 744 O O   . HOH C 3 .  ? 8.936   11.132  8.358   1.00 36.80 ? 155 HOH A O   1 
HETATM 745 O O   . HOH C 3 .  ? 0.276   9.350   -5.305  1.00 27.06 ? 156 HOH A O   1 
HETATM 746 O O   . HOH C 3 .  ? 6.861   -9.203  8.535   1.00 28.96 ? 157 HOH A O   1 
HETATM 747 O O   . HOH C 3 .  ? -11.734 3.471   3.892   1.00 38.50 ? 158 HOH A O   1 
HETATM 748 O O   . HOH C 3 .  ? 17.746  -2.981  4.841   1.00 45.10 ? 159 HOH A O   1 
HETATM 749 O O   . HOH C 3 .  ? 10.019  -10.145 2.636   1.00 25.90 ? 160 HOH A O   1 
HETATM 750 O O   . HOH C 3 .  ? -20.497 -0.344  -13.355 1.00 40.24 ? 161 HOH A O   1 
HETATM 751 O O   . HOH C 3 .  ? 15.578  -0.658  -0.689  1.00 32.24 ? 162 HOH A O   1 
HETATM 752 O O   . HOH C 3 .  ? -15.461 1.766   -10.931 1.00 44.66 ? 163 HOH A O   1 
HETATM 753 O O   . HOH C 3 .  ? -7.841  10.491  0.867   1.00 35.98 ? 164 HOH A O   1 
HETATM 754 O O   . HOH C 3 .  ? -5.757  -8.989  7.684   1.00 37.13 ? 165 HOH A O   1 
HETATM 755 O O   . HOH C 3 .  ? 12.378  10.752  6.286   1.00 49.58 ? 166 HOH A O   1 
HETATM 756 O O   . HOH C 3 .  ? 13.610  3.328   10.367  1.00 34.67 ? 167 HOH A O   1 
HETATM 757 O O   . HOH C 3 .  ? -4.268  5.235   -10.069 1.00 39.25 ? 168 HOH A O   1 
HETATM 758 O O   . HOH C 3 .  ? -7.318  -4.236  -7.503  1.00 22.16 ? 169 HOH A O   1 
HETATM 759 O O   . HOH C 3 .  ? 7.514   -12.951 -0.725  1.00 48.51 ? 170 HOH A O   1 
HETATM 760 O O   . HOH C 3 .  ? -17.211 -0.487  -2.124  1.00 33.19 ? 171 HOH A O   1 
HETATM 761 O O   . HOH C 3 .  ? 1.277   9.479   -8.538  1.00 41.61 ? 172 HOH A O   1 
HETATM 762 O O   . HOH C 3 .  ? 9.959   4.959   13.727  1.00 44.59 ? 173 HOH A O   1 
HETATM 763 O O   . HOH C 3 .  ? 12.281  -12.918 -4.079  1.00 47.13 ? 174 HOH A O   1 
HETATM 764 O O   . HOH C 3 .  ? -25.522 -5.426  -17.887 1.00 41.72 ? 175 HOH A O   1 
HETATM 765 O O   . HOH C 3 .  ? -11.341 8.895   -7.483  1.00 50.26 ? 176 HOH A O   1 
HETATM 766 O O   . HOH C 3 .  ? 15.128  -5.308  34.398  1.00 46.90 ? 177 HOH A O   1 
HETATM 767 O O   . HOH C 3 .  ? 15.138  -6.123  39.456  1.00 44.63 ? 178 HOH A O   1 
HETATM 768 O O   . HOH C 3 .  ? 15.741  2.314   9.243   1.00 44.75 ? 179 HOH A O   1 
HETATM 769 O O   . HOH C 3 .  ? 11.343  0.371   11.908  1.00 26.81 ? 180 HOH A O   1 
HETATM 770 O O   . HOH C 3 .  ? 8.279   7.025   17.145  1.00 47.58 ? 181 HOH A O   1 
HETATM 771 O O   . HOH C 3 .  ? 12.520  9.188   11.032  1.00 45.16 ? 182 HOH A O   1 
HETATM 772 O O   . HOH C 3 .  ? 11.393  0.608   14.365  1.00 40.83 ? 183 HOH A O   1 
HETATM 773 O O   . HOH C 3 .  ? 11.709  7.042   12.985  1.00 50.83 ? 184 HOH A O   1 
HETATM 774 O O   . HOH C 3 .  ? 14.132  -0.842  15.314  1.00 42.03 ? 185 HOH A O   1 
HETATM 775 O O   . HOH C 3 .  ? 19.334  -2.215  32.783  1.00 46.31 ? 186 HOH A O   1 
HETATM 776 O O   . HOH C 3 .  ? 5.805   -1.301  15.612  1.00 41.53 ? 187 HOH A O   1 
HETATM 777 O O   . HOH C 3 .  ? -7.132  0.202   1.177   1.00 15.87 ? 188 HOH A O   1 
HETATM 778 O O   . HOH C 3 .  ? -13.165 -8.331  -7.134  1.00 20.00 ? 189 HOH A O   1 
HETATM 779 O O   . HOH C 3 .  ? 0.861   -8.677  -4.888  1.00 23.78 ? 190 HOH A O   1 
HETATM 780 O O   . HOH C 3 .  ? 14.357  -1.449  -2.955  1.00 25.50 ? 191 HOH A O   1 
HETATM 781 O O   . HOH C 3 .  ? 11.340  5.111   -4.953  1.00 28.95 ? 192 HOH A O   1 
HETATM 782 O O   . HOH C 3 .  ? 0.676   11.064  -1.336  1.00 29.40 ? 193 HOH A O   1 
HETATM 783 O O   . HOH C 3 .  ? 3.527   -0.300  16.542  1.00 26.63 ? 194 HOH A O   1 
HETATM 784 O O   . HOH C 3 .  ? 16.356  -4.029  1.524   1.00 33.30 ? 195 HOH A O   1 
HETATM 785 O O   . HOH C 3 .  ? 15.668  -5.332  -0.909  1.00 28.15 ? 196 HOH A O   1 
HETATM 786 O O   . HOH C 3 .  ? 7.301   0.808   14.790  1.00 35.03 ? 197 HOH A O   1 
HETATM 787 O O   . HOH C 3 .  ? -0.377  13.319  4.774   1.00 31.99 ? 198 HOH A O   1 
HETATM 788 O O   . HOH C 3 .  ? -2.926  -10.280 -7.730  1.00 36.61 ? 199 HOH A O   1 
HETATM 789 O O   . HOH C 3 .  ? -5.778  -14.188 1.956   1.00 33.17 ? 200 HOH A O   1 
HETATM 790 O O   . HOH C 3 .  ? -17.406 -2.692  -3.629  1.00 36.54 ? 201 HOH A O   1 
HETATM 791 O O   . HOH C 3 .  ? -4.683  7.878   -7.314  1.00 41.30 ? 202 HOH A O   1 
HETATM 792 O O   . HOH C 3 .  ? -5.878  -13.686 -5.074  1.00 37.12 ? 203 HOH A O   1 
HETATM 793 O O   . HOH C 3 .  ? -7.746  0.573   9.971   1.00 32.78 ? 204 HOH A O   1 
HETATM 794 O O   . HOH C 3 .  ? 3.350   13.901  5.105   1.00 36.45 ? 205 HOH A O   1 
HETATM 795 O O   . HOH C 3 .  ? 8.764   -12.246 4.131   1.00 50.93 ? 206 HOH A O   1 
HETATM 796 O O   . HOH C 3 .  ? -6.702  -10.620 -7.076  1.00 40.37 ? 207 HOH A O   1 
HETATM 797 O O   . HOH C 3 .  ? -10.897 7.281   6.042   1.00 40.74 ? 208 HOH A O   1 
HETATM 798 O O   . HOH C 3 .  ? 14.327  8.444   2.951   1.00 38.51 ? 209 HOH A O   1 
HETATM 799 O O   . HOH C 3 .  ? 24.645  -8.768  44.390  1.00 48.17 ? 210 HOH A O   1 
HETATM 800 O O   . HOH C 3 .  ? 11.430  10.422  8.813   1.00 46.90 ? 211 HOH A O   1 
HETATM 801 O O   . HOH C 3 .  ? -7.353  -11.080 7.325   1.00 38.51 ? 212 HOH A O   1 
HETATM 802 O O   . HOH C 3 .  ? -19.787 0.129   -3.673  1.00 35.77 ? 213 HOH A O   1 
HETATM 803 O O   . HOH C 3 .  ? 11.549  0.972   -6.943  1.00 42.81 ? 214 HOH A O   1 
HETATM 804 O O   . HOH C 3 .  ? 14.846  3.673   12.807  1.00 56.77 ? 215 HOH A O   1 
# 
